data_6PUX
#
_entry.id   6PUX
#
_cell.length_a   47.460
_cell.length_b   86.680
_cell.length_c   208.770
_cell.angle_alpha   90.000
_cell.angle_beta   90.000
_cell.angle_gamma   90.000
#
_symmetry.space_group_name_H-M   'P 21 21 21'
#
loop_
_entity.id
_entity.type
_entity.pdbx_description
1 polymer 'Homoserine O-acetyltransferase'
2 non-polymer 'SULFATE ION'
3 non-polymer 'MAGNESIUM ION'
4 non-polymer 'CHLORIDE ION'
5 non-polymer GLYCEROL
6 water water
#
_entity_poly.entity_id   1
_entity_poly.type   'polypeptide(L)'
_entity_poly.pdbx_seq_one_letter_code
;GAMTLPAEGEIGLIDVGSLQLESGAVIDDVCIAVQRWGKLSPARDNVVVVLHALTGDSHITGPAGPGHPTPGWWDGVAGP
GAPIDTTRWCAVATNVLGGCRGSTGPSSLARDGKPWGSRFPLISIRDQVQADVAALAALGITEVAAVVGGSMGGARALEW
VVGYPDRVRAGLLLAVGARATADQIGTQTTQIAAIKADPDWQSGDYHETGRAPDAGLRLARRFAHLTYRGEIELDTRFAN
HNQGNEDPTAGGRYAVQSYLEHQGDKLLSRFDAGSYVILTEALNSHDVGRGRGGVSAALRACPVPVVVGGITSDRLYPLR
LQQELADLLPGCAGLRVVESVYGHDGFLVETEAVGELIRQTLGLAD
;
_entity_poly.pdbx_strand_id   A,B
#
# COMPACT_ATOMS: atom_id res chain seq x y z
N GLY A 1 6.06 -30.30 -33.79
CA GLY A 1 4.90 -29.43 -33.61
C GLY A 1 4.28 -29.01 -34.92
N ALA A 2 3.03 -29.45 -35.14
CA ALA A 2 2.33 -29.10 -36.37
C ALA A 2 0.85 -28.81 -36.13
N MET A 3 0.47 -28.40 -34.92
CA MET A 3 -0.86 -27.88 -34.68
C MET A 3 -1.00 -26.51 -35.33
N THR A 4 -2.24 -26.05 -35.47
CA THR A 4 -2.53 -24.80 -36.17
C THR A 4 -3.19 -23.81 -35.21
N LEU A 5 -2.94 -22.53 -35.48
CA LEU A 5 -3.49 -21.48 -34.65
C LEU A 5 -5.02 -21.48 -34.78
N PRO A 6 -5.73 -21.08 -33.73
CA PRO A 6 -7.19 -20.99 -33.83
C PRO A 6 -7.59 -19.89 -34.81
N ALA A 7 -8.86 -19.92 -35.21
CA ALA A 7 -9.40 -18.82 -36.01
C ALA A 7 -9.23 -17.52 -35.23
N GLU A 8 -9.01 -16.43 -35.97
CA GLU A 8 -8.63 -15.17 -35.34
C GLU A 8 -9.67 -14.76 -34.30
N GLY A 9 -9.18 -14.25 -33.17
CA GLY A 9 -10.06 -13.85 -32.08
C GLY A 9 -10.51 -14.99 -31.18
N GLU A 10 -10.58 -16.20 -31.72
CA GLU A 10 -11.12 -17.34 -30.98
C GLU A 10 -10.05 -17.98 -30.10
N ILE A 11 -10.49 -18.63 -29.03
CA ILE A 11 -9.58 -19.25 -28.07
C ILE A 11 -9.21 -20.65 -28.55
N GLY A 12 -7.92 -20.94 -28.55
CA GLY A 12 -7.43 -22.29 -28.81
C GLY A 12 -6.71 -22.83 -27.59
N LEU A 13 -6.79 -24.14 -27.40
CA LEU A 13 -6.21 -24.82 -26.26
C LEU A 13 -5.08 -25.71 -26.75
N ILE A 14 -3.86 -25.40 -26.33
CA ILE A 14 -2.66 -26.07 -26.82
C ILE A 14 -2.16 -27.04 -25.76
N ASP A 15 -2.03 -28.30 -26.14
CA ASP A 15 -1.50 -29.33 -25.24
C ASP A 15 0.02 -29.34 -25.35
N VAL A 16 0.70 -28.87 -24.30
CA VAL A 16 2.16 -28.89 -24.29
C VAL A 16 2.71 -30.07 -23.51
N GLY A 17 1.87 -30.82 -22.79
CA GLY A 17 2.34 -32.01 -22.10
C GLY A 17 2.94 -31.69 -20.74
N SER A 18 3.88 -32.53 -20.33
CA SER A 18 4.51 -32.38 -19.02
C SER A 18 5.68 -31.41 -19.11
N LEU A 19 5.78 -30.55 -18.09
CA LEU A 19 6.86 -29.58 -17.98
C LEU A 19 7.63 -29.82 -16.69
N GLN A 20 8.95 -29.77 -16.78
CA GLN A 20 9.81 -29.77 -15.61
C GLN A 20 10.11 -28.32 -15.23
N LEU A 21 9.72 -27.95 -14.01
CA LEU A 21 9.84 -26.58 -13.57
C LEU A 21 11.25 -26.29 -13.06
N GLU A 22 11.55 -25.00 -12.93
CA GLU A 22 12.85 -24.58 -12.41
C GLU A 22 13.17 -25.27 -11.09
N SER A 23 12.16 -25.47 -10.24
CA SER A 23 12.34 -26.09 -8.94
C SER A 23 12.70 -27.57 -9.04
N GLY A 24 12.57 -28.18 -10.20
CA GLY A 24 12.68 -29.61 -10.35
C GLY A 24 11.36 -30.35 -10.31
N ALA A 25 10.31 -29.72 -9.76
CA ALA A 25 8.98 -30.31 -9.77
C ALA A 25 8.46 -30.42 -11.20
N VAL A 26 7.60 -31.41 -11.42
CA VAL A 26 7.04 -31.69 -12.73
C VAL A 26 5.53 -31.49 -12.66
N ILE A 27 4.97 -30.91 -13.71
CA ILE A 27 3.53 -30.74 -13.84
C ILE A 27 3.10 -31.40 -15.15
N ASP A 28 2.16 -32.34 -15.06
CA ASP A 28 1.73 -33.12 -16.20
C ASP A 28 0.52 -32.46 -16.87
N ASP A 29 0.36 -32.77 -18.16
CA ASP A 29 -0.84 -32.41 -18.93
C ASP A 29 -1.12 -30.91 -18.91
N VAL A 30 -0.07 -30.12 -19.18
CA VAL A 30 -0.23 -28.67 -19.21
C VAL A 30 -0.93 -28.26 -20.49
N CYS A 31 -1.96 -27.42 -20.34
CA CYS A 31 -2.68 -26.81 -21.44
C CYS A 31 -2.46 -25.31 -21.37
N ILE A 32 -2.17 -24.71 -22.52
CA ILE A 32 -1.99 -23.26 -22.63
C ILE A 32 -3.04 -22.74 -23.61
N ALA A 33 -3.89 -21.85 -23.13
CA ALA A 33 -4.87 -21.18 -23.98
C ALA A 33 -4.19 -20.07 -24.77
N VAL A 34 -4.68 -19.85 -25.99
CA VAL A 34 -4.09 -18.89 -26.90
C VAL A 34 -5.19 -18.21 -27.72
N GLN A 35 -4.98 -16.93 -28.01
CA GLN A 35 -5.76 -16.20 -29.00
C GLN A 35 -4.79 -15.47 -29.91
N ARG A 36 -5.24 -15.14 -31.11
CA ARG A 36 -4.35 -14.50 -32.07
C ARG A 36 -5.13 -13.62 -33.04
N TRP A 37 -4.42 -12.63 -33.59
CA TRP A 37 -4.96 -11.68 -34.55
C TRP A 37 -3.93 -11.49 -35.65
N GLY A 38 -4.36 -11.61 -36.89
CA GLY A 38 -3.48 -11.46 -38.03
C GLY A 38 -3.03 -12.78 -38.58
N LYS A 39 -2.70 -12.79 -39.87
CA LYS A 39 -2.29 -14.01 -40.54
C LYS A 39 -0.83 -14.33 -40.24
N LEU A 40 -0.55 -15.62 -40.11
CA LEU A 40 0.80 -16.12 -39.95
C LEU A 40 1.51 -16.16 -41.30
N SER A 41 2.76 -15.71 -41.32
CA SER A 41 3.50 -15.68 -42.57
C SER A 41 3.99 -17.06 -42.95
N PRO A 42 4.27 -17.29 -44.24
CA PRO A 42 4.73 -18.64 -44.65
C PRO A 42 5.97 -19.11 -43.90
N ALA A 43 6.90 -18.21 -43.62
CA ALA A 43 8.08 -18.55 -42.84
C ALA A 43 7.81 -18.58 -41.35
N ARG A 44 6.58 -18.25 -40.93
CA ARG A 44 6.21 -18.25 -39.52
C ARG A 44 7.16 -17.36 -38.72
N ASP A 45 7.56 -16.24 -39.31
CA ASP A 45 8.56 -15.35 -38.72
C ASP A 45 7.99 -13.98 -38.37
N ASN A 46 6.66 -13.84 -38.30
CA ASN A 46 6.02 -12.56 -38.06
C ASN A 46 5.19 -12.55 -36.78
N VAL A 47 5.54 -13.40 -35.81
CA VAL A 47 4.76 -13.56 -34.60
C VAL A 47 5.21 -12.52 -33.57
N VAL A 48 4.25 -11.77 -33.04
CA VAL A 48 4.46 -10.82 -31.94
C VAL A 48 3.69 -11.36 -30.75
N VAL A 49 4.40 -11.74 -29.69
CA VAL A 49 3.79 -12.33 -28.51
C VAL A 49 3.45 -11.21 -27.52
N VAL A 50 2.18 -11.14 -27.13
CA VAL A 50 1.68 -10.14 -26.20
C VAL A 50 1.45 -10.82 -24.86
N LEU A 51 2.14 -10.35 -23.84
CA LEU A 51 2.20 -11.01 -22.54
C LEU A 51 1.41 -10.20 -21.53
N HIS A 52 0.35 -10.80 -20.98
CA HIS A 52 -0.56 -10.11 -20.08
C HIS A 52 0.02 -10.06 -18.67
N ALA A 53 -0.59 -9.23 -17.83
CA ALA A 53 -0.10 -8.97 -16.49
C ALA A 53 -0.84 -9.85 -15.48
N LEU A 54 -0.76 -9.50 -14.19
CA LEU A 54 -1.14 -10.42 -13.12
C LEU A 54 -2.53 -11.03 -13.33
N THR A 55 -3.54 -10.20 -13.56
CA THR A 55 -4.91 -10.69 -13.70
C THR A 55 -5.43 -10.59 -15.14
N GLY A 56 -4.55 -10.40 -16.11
CA GLY A 56 -4.95 -10.39 -17.50
C GLY A 56 -5.15 -11.80 -18.04
N ASP A 57 -5.59 -11.84 -19.30
CA ASP A 57 -5.77 -13.11 -20.01
C ASP A 57 -5.34 -12.91 -21.47
N SER A 58 -5.73 -13.83 -22.34
CA SER A 58 -5.28 -13.82 -23.73
C SER A 58 -6.11 -12.87 -24.59
N HIS A 59 -7.12 -12.21 -24.03
CA HIS A 59 -8.03 -11.36 -24.78
C HIS A 59 -7.49 -9.94 -24.76
N ILE A 60 -6.57 -9.66 -25.69
CA ILE A 60 -5.86 -8.38 -25.65
C ILE A 60 -6.67 -7.29 -26.33
N THR A 61 -7.52 -7.65 -27.29
CA THR A 61 -8.29 -6.65 -28.02
C THR A 61 -9.64 -7.24 -28.39
N GLY A 62 -10.64 -6.37 -28.49
CA GLY A 62 -11.98 -6.77 -28.81
C GLY A 62 -12.94 -6.49 -27.67
N PRO A 63 -14.23 -6.64 -27.93
CA PRO A 63 -15.23 -6.34 -26.90
C PRO A 63 -15.36 -7.49 -25.91
N ALA A 64 -16.06 -7.20 -24.82
CA ALA A 64 -16.52 -8.25 -23.92
C ALA A 64 -17.69 -8.98 -24.57
N GLY A 65 -18.02 -10.15 -24.02
CA GLY A 65 -19.12 -10.93 -24.51
C GLY A 65 -19.08 -12.35 -24.00
N PRO A 66 -19.88 -13.24 -24.60
CA PRO A 66 -19.84 -14.65 -24.21
C PRO A 66 -18.42 -15.19 -24.30
N GLY A 67 -17.99 -15.83 -23.21
CA GLY A 67 -16.64 -16.34 -23.13
C GLY A 67 -15.60 -15.30 -22.79
N HIS A 68 -15.97 -14.04 -22.62
CA HIS A 68 -15.03 -12.97 -22.34
C HIS A 68 -15.62 -12.01 -21.32
N PRO A 69 -15.36 -12.23 -20.03
CA PRO A 69 -15.94 -11.34 -19.02
C PRO A 69 -15.43 -9.92 -19.10
N THR A 70 -14.23 -9.72 -19.65
CA THR A 70 -13.63 -8.41 -19.78
C THR A 70 -13.33 -8.11 -21.24
N PRO A 71 -13.42 -6.85 -21.65
CA PRO A 71 -12.98 -6.49 -23.01
C PRO A 71 -11.46 -6.56 -23.11
N GLY A 72 -10.97 -6.37 -24.33
CA GLY A 72 -9.54 -6.41 -24.54
C GLY A 72 -8.80 -5.49 -23.59
N TRP A 73 -7.79 -6.02 -22.88
CA TRP A 73 -7.09 -5.20 -21.90
C TRP A 73 -6.12 -4.23 -22.55
N TRP A 74 -5.75 -4.46 -23.82
CA TRP A 74 -5.02 -3.48 -24.63
C TRP A 74 -5.84 -3.19 -25.89
N ASP A 75 -7.13 -2.90 -25.70
CA ASP A 75 -8.06 -2.83 -26.82
C ASP A 75 -7.53 -1.90 -27.91
N GLY A 76 -7.53 -2.41 -29.14
CA GLY A 76 -7.05 -1.66 -30.28
C GLY A 76 -5.60 -1.86 -30.62
N VAL A 77 -4.85 -2.63 -29.82
CA VAL A 77 -3.41 -2.75 -30.05
C VAL A 77 -3.10 -3.57 -31.30
N ALA A 78 -3.99 -4.48 -31.69
CA ALA A 78 -3.77 -5.33 -32.85
C ALA A 78 -4.92 -5.16 -33.83
N GLY A 79 -4.59 -4.92 -35.09
CA GLY A 79 -5.57 -4.72 -36.12
C GLY A 79 -4.95 -4.04 -37.34
N PRO A 80 -5.74 -3.87 -38.39
CA PRO A 80 -5.21 -3.19 -39.60
C PRO A 80 -4.76 -1.78 -39.26
N GLY A 81 -3.47 -1.51 -39.50
CA GLY A 81 -2.92 -0.20 -39.22
C GLY A 81 -2.70 0.10 -37.76
N ALA A 82 -2.90 -0.88 -36.88
CA ALA A 82 -2.76 -0.68 -35.44
C ALA A 82 -1.30 -0.78 -35.04
N PRO A 83 -0.96 -0.49 -33.78
CA PRO A 83 0.44 -0.62 -33.35
C PRO A 83 1.06 -1.96 -33.66
N ILE A 84 0.31 -3.04 -33.50
CA ILE A 84 0.66 -4.34 -34.09
C ILE A 84 -0.22 -4.46 -35.33
N ASP A 85 0.35 -4.11 -36.47
CA ASP A 85 -0.39 -4.01 -37.73
C ASP A 85 -0.60 -5.41 -38.30
N THR A 86 -1.83 -5.92 -38.20
CA THR A 86 -2.10 -7.30 -38.58
C THR A 86 -2.07 -7.54 -40.08
N THR A 87 -1.92 -6.50 -40.89
CA THR A 87 -1.59 -6.73 -42.30
C THR A 87 -0.14 -7.17 -42.46
N ARG A 88 0.69 -7.06 -41.41
CA ARG A 88 2.07 -7.49 -41.43
C ARG A 88 2.39 -8.54 -40.36
N TRP A 89 1.85 -8.39 -39.16
CA TRP A 89 2.23 -9.20 -38.01
C TRP A 89 1.11 -10.12 -37.57
N CYS A 90 1.48 -11.19 -36.87
CA CYS A 90 0.55 -12.11 -36.24
C CYS A 90 0.68 -11.95 -34.72
N ALA A 91 -0.30 -11.30 -34.10
CA ALA A 91 -0.29 -11.09 -32.66
C ALA A 91 -0.82 -12.34 -31.97
N VAL A 92 -0.03 -12.91 -31.06
CA VAL A 92 -0.38 -14.11 -30.33
C VAL A 92 -0.30 -13.82 -28.84
N ALA A 93 -1.34 -14.21 -28.10
CA ALA A 93 -1.38 -14.00 -26.66
C ALA A 93 -1.79 -15.30 -25.99
N THR A 94 -1.04 -15.70 -24.97
CA THR A 94 -1.39 -16.85 -24.16
C THR A 94 -2.05 -16.40 -22.87
N ASN A 95 -2.72 -17.33 -22.23
CA ASN A 95 -3.02 -17.25 -20.81
C ASN A 95 -1.86 -17.91 -20.08
N VAL A 96 -1.33 -17.23 -19.07
CA VAL A 96 -0.09 -17.68 -18.45
C VAL A 96 -0.31 -18.98 -17.69
N LEU A 97 0.73 -19.80 -17.62
CA LEU A 97 0.74 -20.93 -16.69
C LEU A 97 0.40 -20.45 -15.29
N GLY A 98 -0.52 -21.15 -14.63
CA GLY A 98 -1.00 -20.73 -13.34
C GLY A 98 -2.25 -19.87 -13.37
N GLY A 99 -2.70 -19.47 -14.55
CA GLY A 99 -3.87 -18.65 -14.70
C GLY A 99 -5.16 -19.42 -14.55
N CYS A 100 -6.27 -18.72 -14.83
CA CYS A 100 -7.60 -19.28 -14.65
C CYS A 100 -8.52 -18.95 -15.83
N ARG A 101 -7.96 -18.64 -16.99
CA ARG A 101 -8.74 -18.31 -18.17
C ARG A 101 -8.38 -19.23 -19.34
N GLY A 102 -8.21 -20.51 -19.05
CA GLY A 102 -7.99 -21.50 -20.08
C GLY A 102 -6.75 -22.35 -19.89
N SER A 103 -5.70 -21.76 -19.32
CA SER A 103 -4.46 -22.47 -19.11
C SER A 103 -4.50 -23.23 -17.79
N THR A 104 -3.58 -24.19 -17.66
CA THR A 104 -3.51 -25.00 -16.44
C THR A 104 -3.11 -24.14 -15.25
N GLY A 105 -3.93 -24.22 -14.20
CA GLY A 105 -3.68 -23.50 -12.97
C GLY A 105 -4.31 -24.23 -11.79
N PRO A 106 -4.27 -23.60 -10.60
CA PRO A 106 -4.80 -24.27 -9.40
C PRO A 106 -6.24 -24.75 -9.50
N SER A 107 -7.11 -24.06 -10.24
CA SER A 107 -8.49 -24.48 -10.35
C SER A 107 -8.71 -25.54 -11.43
N SER A 108 -7.69 -25.83 -12.23
CA SER A 108 -7.81 -26.89 -13.23
C SER A 108 -7.82 -28.25 -12.55
N LEU A 109 -8.41 -29.23 -13.22
CA LEU A 109 -8.46 -30.60 -12.71
C LEU A 109 -7.15 -31.32 -13.02
N ALA A 110 -6.59 -31.97 -11.99
CA ALA A 110 -5.39 -32.77 -12.15
C ALA A 110 -5.75 -34.16 -12.68
N ARG A 111 -4.74 -35.02 -12.82
CA ARG A 111 -4.99 -36.36 -13.36
C ARG A 111 -5.94 -37.15 -12.47
N ASP A 112 -5.84 -36.95 -11.15
CA ASP A 112 -6.71 -37.69 -10.24
C ASP A 112 -8.15 -37.19 -10.26
N GLY A 113 -8.53 -36.30 -11.17
CA GLY A 113 -9.90 -35.83 -11.26
C GLY A 113 -10.27 -34.74 -10.29
N LYS A 114 -9.36 -34.36 -9.38
CA LYS A 114 -9.62 -33.27 -8.44
C LYS A 114 -8.88 -32.02 -8.86
N PRO A 115 -9.37 -30.83 -8.49
CA PRO A 115 -8.62 -29.61 -8.79
C PRO A 115 -7.22 -29.66 -8.22
N TRP A 116 -6.28 -29.04 -8.92
CA TRP A 116 -4.91 -28.99 -8.44
C TRP A 116 -4.85 -28.43 -7.02
N GLY A 117 -5.46 -27.27 -6.80
CA GLY A 117 -5.54 -26.71 -5.46
C GLY A 117 -4.19 -26.65 -4.80
N SER A 118 -4.13 -27.16 -3.57
CA SER A 118 -2.90 -27.08 -2.78
C SER A 118 -1.76 -27.90 -3.38
N ARG A 119 -2.04 -28.76 -4.35
CA ARG A 119 -1.00 -29.55 -4.98
C ARG A 119 -0.30 -28.82 -6.12
N PHE A 120 -0.82 -27.67 -6.55
CA PHE A 120 -0.18 -26.96 -7.66
C PHE A 120 1.21 -26.48 -7.23
N PRO A 121 2.25 -26.82 -7.97
CA PRO A 121 3.61 -26.42 -7.55
C PRO A 121 3.86 -24.94 -7.75
N LEU A 122 4.72 -24.39 -6.91
CA LEU A 122 5.15 -23.01 -7.12
C LEU A 122 5.90 -22.91 -8.43
N ILE A 123 5.57 -21.87 -9.20
CA ILE A 123 6.18 -21.64 -10.50
C ILE A 123 6.89 -20.29 -10.44
N SER A 124 7.83 -20.10 -11.36
CA SER A 124 8.56 -18.85 -11.50
C SER A 124 8.17 -18.19 -12.82
N ILE A 125 8.63 -16.94 -12.98
CA ILE A 125 8.44 -16.26 -14.26
C ILE A 125 9.10 -17.06 -15.37
N ARG A 126 10.25 -17.67 -15.09
CA ARG A 126 10.94 -18.46 -16.11
C ARG A 126 10.12 -19.68 -16.50
N ASP A 127 9.45 -20.32 -15.53
CA ASP A 127 8.53 -21.41 -15.84
C ASP A 127 7.41 -20.92 -16.76
N GLN A 128 6.92 -19.70 -16.52
CA GLN A 128 5.86 -19.16 -17.37
C GLN A 128 6.35 -19.00 -18.80
N VAL A 129 7.58 -18.51 -18.97
CA VAL A 129 8.15 -18.38 -20.31
C VAL A 129 8.39 -19.74 -20.93
N GLN A 130 8.90 -20.70 -20.16
CA GLN A 130 9.10 -22.05 -20.69
C GLN A 130 7.79 -22.59 -21.27
N ALA A 131 6.68 -22.37 -20.56
CA ALA A 131 5.40 -22.88 -21.04
C ALA A 131 4.96 -22.17 -22.32
N ASP A 132 5.12 -20.84 -22.37
CA ASP A 132 4.71 -20.12 -23.58
C ASP A 132 5.57 -20.54 -24.77
N VAL A 133 6.88 -20.70 -24.56
CA VAL A 133 7.75 -21.16 -25.64
C VAL A 133 7.32 -22.55 -26.10
N ALA A 134 6.99 -23.43 -25.16
CA ALA A 134 6.55 -24.78 -25.51
C ALA A 134 5.24 -24.76 -26.28
N ALA A 135 4.32 -23.87 -25.91
CA ALA A 135 3.06 -23.76 -26.64
C ALA A 135 3.30 -23.34 -28.08
N LEU A 136 4.16 -22.33 -28.29
CA LEU A 136 4.47 -21.90 -29.64
C LEU A 136 5.16 -23.01 -30.44
N ALA A 137 6.04 -23.79 -29.78
CA ALA A 137 6.71 -24.87 -30.49
C ALA A 137 5.72 -25.93 -30.94
N ALA A 138 4.71 -26.21 -30.10
CA ALA A 138 3.67 -27.16 -30.50
C ALA A 138 2.93 -26.69 -31.74
N LEU A 139 2.85 -25.37 -31.96
CA LEU A 139 2.27 -24.80 -33.16
C LEU A 139 3.30 -24.63 -34.27
N GLY A 140 4.48 -25.22 -34.12
CA GLY A 140 5.52 -25.10 -35.13
C GLY A 140 6.21 -23.76 -35.17
N ILE A 141 6.04 -22.93 -34.14
CA ILE A 141 6.64 -21.61 -34.09
C ILE A 141 7.81 -21.69 -33.11
N THR A 142 9.03 -21.55 -33.65
CA THR A 142 10.24 -21.70 -32.86
C THR A 142 10.99 -20.39 -32.66
N GLU A 143 10.68 -19.37 -33.44
CA GLU A 143 11.26 -18.05 -33.27
C GLU A 143 10.14 -17.02 -33.39
N VAL A 144 10.22 -15.97 -32.60
CA VAL A 144 9.22 -14.91 -32.63
C VAL A 144 9.89 -13.61 -33.04
N ALA A 145 9.13 -12.77 -33.74
CA ALA A 145 9.63 -11.44 -34.10
C ALA A 145 9.85 -10.57 -32.88
N ALA A 146 8.89 -10.56 -31.96
CA ALA A 146 8.99 -9.70 -30.80
C ALA A 146 8.10 -10.21 -29.68
N VAL A 147 8.49 -9.88 -28.45
CA VAL A 147 7.67 -10.06 -27.26
C VAL A 147 7.44 -8.70 -26.62
N VAL A 148 6.20 -8.43 -26.21
CA VAL A 148 5.84 -7.15 -25.63
C VAL A 148 4.97 -7.39 -24.41
N GLY A 149 5.24 -6.64 -23.34
CA GLY A 149 4.45 -6.76 -22.14
C GLY A 149 4.72 -5.66 -21.14
N GLY A 150 3.73 -5.36 -20.31
CA GLY A 150 3.91 -4.47 -19.18
C GLY A 150 3.66 -5.20 -17.88
N SER A 151 4.30 -4.73 -16.81
CA SER A 151 4.07 -5.25 -15.46
C SER A 151 4.54 -6.70 -15.43
N MET A 152 3.75 -7.65 -14.91
CA MET A 152 4.17 -9.05 -14.95
C MET A 152 4.46 -9.51 -16.36
N GLY A 153 3.75 -8.94 -17.35
CA GLY A 153 4.06 -9.23 -18.73
C GLY A 153 5.43 -8.72 -19.14
N GLY A 154 5.87 -7.61 -18.56
CA GLY A 154 7.22 -7.14 -18.79
C GLY A 154 8.25 -8.05 -18.16
N ALA A 155 7.92 -8.68 -17.04
CA ALA A 155 8.82 -9.64 -16.42
C ALA A 155 8.94 -10.89 -17.28
N ARG A 156 7.82 -11.35 -17.83
CA ARG A 156 7.83 -12.47 -18.76
C ARG A 156 8.65 -12.11 -20.01
N ALA A 157 8.44 -10.91 -20.54
CA ALA A 157 9.19 -10.47 -21.71
C ALA A 157 10.69 -10.41 -21.43
N LEU A 158 11.05 -9.93 -20.23
CA LEU A 158 12.47 -9.83 -19.88
C LEU A 158 13.11 -11.20 -19.81
N GLU A 159 12.45 -12.16 -19.16
CA GLU A 159 13.02 -13.50 -19.07
C GLU A 159 13.03 -14.18 -20.43
N TRP A 160 12.14 -13.79 -21.33
CA TRP A 160 12.13 -14.34 -22.69
C TRP A 160 13.35 -13.87 -23.47
N VAL A 161 13.63 -12.57 -23.47
CA VAL A 161 14.76 -12.08 -24.26
C VAL A 161 16.09 -12.49 -23.63
N VAL A 162 16.17 -12.57 -22.30
CA VAL A 162 17.41 -13.00 -21.67
C VAL A 162 17.59 -14.51 -21.80
N GLY A 163 16.49 -15.27 -21.68
CA GLY A 163 16.57 -16.71 -21.70
C GLY A 163 16.61 -17.34 -23.08
N TYR A 164 16.05 -16.66 -24.08
CA TYR A 164 15.98 -17.20 -25.44
C TYR A 164 16.40 -16.14 -26.44
N PRO A 165 17.62 -15.59 -26.29
CA PRO A 165 18.02 -14.46 -27.13
C PRO A 165 18.13 -14.79 -28.61
N ASP A 166 18.40 -16.05 -28.96
CA ASP A 166 18.51 -16.44 -30.35
C ASP A 166 17.16 -16.66 -31.01
N ARG A 167 16.06 -16.61 -30.25
CA ARG A 167 14.74 -16.97 -30.76
C ARG A 167 13.76 -15.80 -30.71
N VAL A 168 14.24 -14.58 -30.50
CA VAL A 168 13.39 -13.40 -30.47
C VAL A 168 14.21 -12.23 -31.00
N ARG A 169 13.58 -11.40 -31.84
CA ARG A 169 14.31 -10.32 -32.50
C ARG A 169 14.20 -8.98 -31.79
N ALA A 170 13.19 -8.78 -30.95
CA ALA A 170 13.08 -7.53 -30.21
C ALA A 170 12.09 -7.72 -29.06
N GLY A 171 12.18 -6.82 -28.09
CA GLY A 171 11.30 -6.89 -26.92
C GLY A 171 10.93 -5.51 -26.43
N LEU A 172 9.70 -5.40 -25.93
CA LEU A 172 9.24 -4.22 -25.21
C LEU A 172 9.13 -4.57 -23.73
N LEU A 173 9.89 -3.86 -22.90
CA LEU A 173 9.89 -4.06 -21.44
C LEU A 173 9.28 -2.79 -20.82
N LEU A 174 8.04 -2.90 -20.36
CA LEU A 174 7.27 -1.75 -19.90
C LEU A 174 6.91 -1.92 -18.43
N ALA A 175 7.21 -0.89 -17.64
CA ALA A 175 6.77 -0.82 -16.25
C ALA A 175 7.08 -2.11 -15.50
N VAL A 176 8.37 -2.44 -15.46
CA VAL A 176 8.86 -3.63 -14.79
C VAL A 176 10.30 -3.38 -14.34
N GLY A 177 10.81 -4.28 -13.49
CA GLY A 177 12.16 -4.20 -13.00
C GLY A 177 12.93 -5.49 -13.29
N ALA A 178 14.24 -5.43 -13.06
CA ALA A 178 15.12 -6.57 -13.29
C ALA A 178 14.90 -7.68 -12.26
N ARG A 179 14.50 -7.31 -11.05
CA ARG A 179 14.13 -8.27 -10.02
C ARG A 179 13.04 -7.65 -9.16
N ALA A 180 12.33 -8.51 -8.45
CA ALA A 180 11.38 -8.03 -7.46
C ALA A 180 12.10 -7.18 -6.41
N THR A 181 11.46 -6.10 -5.98
CA THR A 181 11.97 -5.22 -4.95
C THR A 181 11.40 -5.59 -3.58
N ALA A 182 12.04 -5.06 -2.54
CA ALA A 182 11.56 -5.30 -1.18
C ALA A 182 10.13 -4.81 -1.00
N ASP A 183 9.83 -3.62 -1.50
CA ASP A 183 8.48 -3.08 -1.34
C ASP A 183 7.46 -3.94 -2.06
N GLN A 184 7.79 -4.39 -3.27
CA GLN A 184 6.88 -5.27 -4.02
C GLN A 184 6.65 -6.57 -3.27
N ILE A 185 7.72 -7.22 -2.82
CA ILE A 185 7.59 -8.45 -2.06
C ILE A 185 6.80 -8.21 -0.78
N GLY A 186 6.99 -7.04 -0.15
CA GLY A 186 6.26 -6.73 1.07
C GLY A 186 4.75 -6.72 0.87
N THR A 187 4.28 -5.94 -0.11
CA THR A 187 2.85 -5.89 -0.38
C THR A 187 2.35 -7.22 -0.95
N GLN A 188 3.15 -7.85 -1.81
CA GLN A 188 2.72 -9.08 -2.45
C GLN A 188 2.57 -10.21 -1.45
N THR A 189 3.54 -10.41 -0.55
CA THR A 189 3.41 -11.46 0.46
C THR A 189 2.27 -11.18 1.42
N THR A 190 1.97 -9.90 1.68
CA THR A 190 0.87 -9.58 2.58
C THR A 190 -0.49 -9.77 1.90
N GLN A 191 -0.56 -9.48 0.60
CA GLN A 191 -1.76 -9.81 -0.17
C GLN A 191 -2.03 -11.31 -0.12
N ILE A 192 -0.99 -12.13 -0.30
CA ILE A 192 -1.14 -13.58 -0.18
C ILE A 192 -1.58 -13.97 1.22
N ALA A 193 -0.97 -13.37 2.24
CA ALA A 193 -1.36 -13.67 3.62
C ALA A 193 -2.84 -13.35 3.85
N ALA A 194 -3.32 -12.27 3.24
CA ALA A 194 -4.73 -11.92 3.41
C ALA A 194 -5.64 -13.01 2.82
N ILE A 195 -5.27 -13.54 1.67
CA ILE A 195 -6.06 -14.62 1.07
C ILE A 195 -6.00 -15.86 1.95
N LYS A 196 -4.79 -16.25 2.38
CA LYS A 196 -4.63 -17.46 3.16
C LYS A 196 -5.22 -17.35 4.56
N ALA A 197 -5.40 -16.13 5.07
CA ALA A 197 -6.05 -15.95 6.37
C ALA A 197 -7.57 -16.03 6.29
N ASP A 198 -8.13 -16.00 5.09
CA ASP A 198 -9.58 -16.13 4.93
C ASP A 198 -10.01 -17.51 5.42
N PRO A 199 -11.04 -17.60 6.28
CA PRO A 199 -11.45 -18.92 6.78
C PRO A 199 -11.84 -19.89 5.68
N ASP A 200 -12.21 -19.41 4.51
CA ASP A 200 -12.66 -20.27 3.41
C ASP A 200 -11.54 -20.61 2.43
N TRP A 201 -10.30 -20.23 2.74
CA TRP A 201 -9.16 -20.63 1.91
C TRP A 201 -9.00 -22.14 1.92
N GLN A 202 -9.21 -22.78 3.07
CA GLN A 202 -9.21 -24.24 3.17
C GLN A 202 -7.93 -24.83 2.59
N SER A 203 -6.81 -24.21 2.98
CA SER A 203 -5.46 -24.63 2.58
C SER A 203 -5.26 -24.60 1.08
N GLY A 204 -6.07 -23.83 0.36
CA GLY A 204 -6.00 -23.76 -1.09
C GLY A 204 -6.82 -24.80 -1.81
N ASP A 205 -7.57 -25.63 -1.09
CA ASP A 205 -8.42 -26.66 -1.68
C ASP A 205 -9.90 -26.30 -1.52
N TYR A 206 -10.22 -25.00 -1.65
CA TYR A 206 -11.60 -24.55 -1.58
C TYR A 206 -12.38 -24.90 -2.83
N HIS A 207 -11.69 -25.20 -3.93
CA HIS A 207 -12.35 -25.50 -5.19
C HIS A 207 -13.37 -26.62 -5.00
N GLU A 208 -14.58 -26.40 -5.48
CA GLU A 208 -15.67 -27.36 -5.47
C GLU A 208 -16.25 -27.61 -4.08
N THR A 209 -15.93 -26.76 -3.10
CA THR A 209 -16.54 -26.89 -1.78
C THR A 209 -17.77 -26.01 -1.60
N GLY A 210 -18.07 -25.14 -2.56
CA GLY A 210 -19.14 -24.18 -2.40
C GLY A 210 -18.77 -22.95 -1.59
N ARG A 211 -17.57 -22.92 -1.02
CA ARG A 211 -17.04 -21.75 -0.32
C ARG A 211 -15.71 -21.34 -0.96
N ALA A 212 -15.47 -20.04 -1.00
CA ALA A 212 -14.24 -19.51 -1.56
C ALA A 212 -13.78 -18.34 -0.70
N PRO A 213 -12.47 -18.07 -0.67
CA PRO A 213 -11.94 -16.95 0.14
C PRO A 213 -12.20 -15.60 -0.50
N ASP A 214 -13.48 -15.23 -0.57
CA ASP A 214 -13.87 -14.01 -1.26
C ASP A 214 -13.40 -12.76 -0.52
N ALA A 215 -13.49 -12.78 0.82
CA ALA A 215 -13.10 -11.61 1.58
C ALA A 215 -11.61 -11.34 1.45
N GLY A 216 -10.79 -12.39 1.55
CA GLY A 216 -9.35 -12.20 1.44
C GLY A 216 -8.92 -11.74 0.06
N LEU A 217 -9.56 -12.27 -0.98
CA LEU A 217 -9.21 -11.86 -2.34
C LEU A 217 -9.60 -10.41 -2.59
N ARG A 218 -10.79 -10.02 -2.15
CA ARG A 218 -11.20 -8.62 -2.24
C ARG A 218 -10.18 -7.71 -1.57
N LEU A 219 -9.75 -8.07 -0.36
CA LEU A 219 -8.81 -7.22 0.37
C LEU A 219 -7.48 -7.13 -0.37
N ALA A 220 -6.97 -8.27 -0.84
CA ALA A 220 -5.71 -8.25 -1.59
C ALA A 220 -5.80 -7.35 -2.80
N ARG A 221 -6.92 -7.44 -3.53
CA ARG A 221 -7.08 -6.63 -4.75
C ARG A 221 -7.21 -5.14 -4.41
N ARG A 222 -7.89 -4.81 -3.30
CA ARG A 222 -8.02 -3.41 -2.92
C ARG A 222 -6.65 -2.80 -2.64
N PHE A 223 -5.81 -3.50 -1.86
CA PHE A 223 -4.49 -2.96 -1.57
C PHE A 223 -3.63 -2.90 -2.83
N ALA A 224 -3.72 -3.92 -3.69
CA ALA A 224 -2.94 -3.91 -4.92
C ALA A 224 -3.37 -2.77 -5.82
N HIS A 225 -4.69 -2.52 -5.91
CA HIS A 225 -5.16 -1.46 -6.79
C HIS A 225 -4.56 -0.11 -6.39
N LEU A 226 -4.43 0.13 -5.10
CA LEU A 226 -3.80 1.36 -4.64
C LEU A 226 -2.37 1.47 -5.17
N THR A 227 -1.60 0.36 -5.13
CA THR A 227 -0.23 0.42 -5.63
C THR A 227 -0.19 0.68 -7.13
N TYR A 228 -1.30 0.40 -7.84
CA TYR A 228 -1.36 0.59 -9.27
C TYR A 228 -1.69 2.02 -9.68
N ARG A 229 -2.15 2.86 -8.75
CA ARG A 229 -2.69 4.17 -9.10
C ARG A 229 -1.71 5.29 -8.76
N GLY A 230 -2.01 6.47 -9.30
CA GLY A 230 -1.25 7.67 -8.98
C GLY A 230 -1.88 8.40 -7.81
N GLU A 231 -1.03 8.85 -6.89
CA GLU A 231 -1.50 9.48 -5.66
C GLU A 231 -2.31 10.74 -5.96
N ILE A 232 -1.79 11.62 -6.80
CA ILE A 232 -2.47 12.89 -7.04
C ILE A 232 -3.78 12.68 -7.79
N GLU A 233 -3.78 11.80 -8.81
CA GLU A 233 -4.99 11.56 -9.58
C GLU A 233 -6.11 10.99 -8.69
N LEU A 234 -5.78 10.05 -7.80
CA LEU A 234 -6.80 9.51 -6.91
C LEU A 234 -7.47 10.63 -6.10
N ASP A 235 -6.69 11.61 -5.65
CA ASP A 235 -7.27 12.69 -4.86
C ASP A 235 -8.00 13.70 -5.73
N THR A 236 -7.55 13.91 -6.96
CA THR A 236 -8.28 14.76 -7.89
C THR A 236 -9.65 14.17 -8.19
N ARG A 237 -9.71 12.85 -8.36
CA ARG A 237 -10.96 12.21 -8.74
C ARG A 237 -11.92 12.11 -7.56
N PHE A 238 -11.44 11.65 -6.39
CA PHE A 238 -12.31 11.35 -5.27
C PHE A 238 -12.16 12.29 -4.09
N ALA A 239 -10.96 12.82 -3.87
CA ALA A 239 -10.68 13.61 -2.67
C ALA A 239 -11.16 12.84 -1.44
N ASN A 240 -11.68 13.55 -0.45
CA ASN A 240 -12.28 12.91 0.73
C ASN A 240 -13.80 12.94 0.67
N HIS A 241 -14.36 13.04 -0.52
CA HIS A 241 -15.81 13.16 -0.67
C HIS A 241 -16.50 11.87 -0.28
N ASN A 242 -17.76 12.01 0.15
CA ASN A 242 -18.61 10.85 0.37
C ASN A 242 -19.06 10.24 -0.94
N GLN A 243 -19.38 8.95 -0.89
CA GLN A 243 -19.96 8.27 -2.05
C GLN A 243 -21.42 8.68 -2.17
N GLY A 244 -21.77 9.26 -3.32
CA GLY A 244 -23.14 9.70 -3.55
C GLY A 244 -23.70 10.49 -2.39
N ASN A 245 -24.79 9.99 -1.80
CA ASN A 245 -25.41 10.64 -0.65
C ASN A 245 -25.20 9.85 0.64
N GLU A 246 -24.15 9.04 0.70
CA GLU A 246 -23.88 8.24 1.89
C GLU A 246 -23.11 9.07 2.91
N ASP A 247 -23.16 8.60 4.16
CA ASP A 247 -22.53 9.28 5.29
C ASP A 247 -21.61 8.29 6.01
N PRO A 248 -20.28 8.40 5.83
CA PRO A 248 -19.37 7.48 6.53
C PRO A 248 -19.57 7.44 8.03
N THR A 249 -20.01 8.54 8.64
CA THR A 249 -20.26 8.54 10.08
C THR A 249 -21.42 7.61 10.44
N ALA A 250 -22.40 7.46 9.55
CA ALA A 250 -23.57 6.64 9.81
C ALA A 250 -23.59 5.40 8.92
N GLY A 251 -22.46 4.71 8.80
CA GLY A 251 -22.38 3.51 8.01
C GLY A 251 -22.13 3.71 6.53
N GLY A 252 -22.08 4.95 6.07
CA GLY A 252 -21.84 5.22 4.66
C GLY A 252 -20.40 4.94 4.27
N ARG A 253 -20.09 5.31 3.03
CA ARG A 253 -18.77 5.06 2.45
C ARG A 253 -18.20 6.35 1.86
N TYR A 254 -16.88 6.43 1.87
CA TYR A 254 -16.19 7.44 1.09
C TYR A 254 -16.18 7.05 -0.38
N ALA A 255 -16.09 8.05 -1.26
CA ALA A 255 -16.09 7.78 -2.68
C ALA A 255 -14.96 6.83 -3.07
N VAL A 256 -13.74 7.09 -2.62
CA VAL A 256 -12.63 6.21 -2.98
C VAL A 256 -12.85 4.82 -2.39
N GLN A 257 -13.53 4.74 -1.25
CA GLN A 257 -13.82 3.46 -0.62
C GLN A 257 -14.78 2.63 -1.47
N SER A 258 -15.87 3.23 -1.93
CA SER A 258 -16.81 2.51 -2.79
C SER A 258 -16.14 2.12 -4.10
N TYR A 259 -15.25 2.96 -4.59
CA TYR A 259 -14.48 2.64 -5.79
C TYR A 259 -13.63 1.39 -5.58
N LEU A 260 -12.93 1.31 -4.45
CA LEU A 260 -12.08 0.16 -4.19
C LEU A 260 -12.91 -1.11 -3.98
N GLU A 261 -14.01 -1.01 -3.25
CA GLU A 261 -14.90 -2.16 -3.09
C GLU A 261 -15.35 -2.69 -4.44
N HIS A 262 -15.61 -1.78 -5.39
CA HIS A 262 -16.06 -2.21 -6.71
C HIS A 262 -14.95 -2.90 -7.49
N GLN A 263 -13.71 -2.44 -7.35
CA GLN A 263 -12.60 -3.16 -7.96
C GLN A 263 -12.51 -4.58 -7.43
N GLY A 264 -12.72 -4.76 -6.12
CA GLY A 264 -12.71 -6.09 -5.56
C GLY A 264 -13.81 -6.96 -6.12
N ASP A 265 -15.04 -6.43 -6.16
CA ASP A 265 -16.16 -7.23 -6.67
C ASP A 265 -15.91 -7.64 -8.11
N LYS A 266 -15.37 -6.74 -8.93
CA LYS A 266 -15.15 -7.06 -10.34
C LYS A 266 -14.18 -8.22 -10.49
N LEU A 267 -13.06 -8.16 -9.77
CA LEU A 267 -12.10 -9.25 -9.86
C LEU A 267 -12.71 -10.57 -9.42
N LEU A 268 -13.50 -10.54 -8.34
CA LEU A 268 -14.11 -11.75 -7.82
C LEU A 268 -14.94 -12.46 -8.89
N SER A 269 -15.63 -11.71 -9.73
CA SER A 269 -16.53 -12.33 -10.70
C SER A 269 -15.79 -12.99 -11.85
N ARG A 270 -14.48 -12.77 -12.01
CA ARG A 270 -13.76 -13.27 -13.16
C ARG A 270 -12.44 -13.95 -12.84
N PHE A 271 -12.02 -14.01 -11.59
CA PHE A 271 -10.67 -14.45 -11.26
C PHE A 271 -10.69 -15.41 -10.07
N ASP A 272 -9.68 -16.27 -10.01
CA ASP A 272 -9.58 -17.32 -9.01
C ASP A 272 -8.53 -16.98 -7.96
N ALA A 273 -8.89 -17.20 -6.69
CA ALA A 273 -7.98 -16.85 -5.59
C ALA A 273 -6.71 -17.68 -5.62
N GLY A 274 -6.81 -18.95 -5.99
CA GLY A 274 -5.61 -19.78 -6.09
C GLY A 274 -4.64 -19.26 -7.13
N SER A 275 -5.16 -18.83 -8.28
CA SER A 275 -4.30 -18.24 -9.30
C SER A 275 -3.62 -16.98 -8.80
N TYR A 276 -4.37 -16.14 -8.07
CA TYR A 276 -3.79 -14.91 -7.53
C TYR A 276 -2.58 -15.23 -6.65
N VAL A 277 -2.70 -16.25 -5.80
CA VAL A 277 -1.59 -16.65 -4.95
C VAL A 277 -0.41 -17.14 -5.78
N ILE A 278 -0.66 -18.11 -6.66
CA ILE A 278 0.44 -18.73 -7.42
C ILE A 278 1.16 -17.69 -8.26
N LEU A 279 0.41 -16.82 -8.94
CA LEU A 279 1.02 -15.82 -9.80
C LEU A 279 1.72 -14.73 -9.00
N THR A 280 1.18 -14.38 -7.82
CA THR A 280 1.89 -13.43 -6.97
C THR A 280 3.19 -14.04 -6.44
N GLU A 281 3.21 -15.35 -6.18
CA GLU A 281 4.45 -15.98 -5.78
C GLU A 281 5.48 -15.98 -6.91
N ALA A 282 5.02 -16.04 -8.16
CA ALA A 282 5.94 -15.94 -9.29
C ALA A 282 6.52 -14.53 -9.37
N LEU A 283 5.72 -13.51 -9.04
CA LEU A 283 6.25 -12.16 -8.94
C LEU A 283 7.30 -12.05 -7.84
N ASN A 284 7.05 -12.68 -6.68
CA ASN A 284 8.00 -12.62 -5.58
C ASN A 284 9.36 -13.18 -5.99
N SER A 285 9.36 -14.22 -6.82
CA SER A 285 10.57 -14.92 -7.21
C SER A 285 11.27 -14.29 -8.41
N HIS A 286 10.73 -13.19 -8.94
CA HIS A 286 11.29 -12.58 -10.13
C HIS A 286 12.69 -12.06 -9.86
N ASP A 287 13.64 -12.50 -10.68
CA ASP A 287 15.05 -12.13 -10.50
C ASP A 287 15.84 -12.59 -11.73
N VAL A 288 16.06 -11.67 -12.68
CA VAL A 288 16.74 -12.02 -13.92
C VAL A 288 18.18 -12.45 -13.67
N GLY A 289 18.73 -12.14 -12.50
CA GLY A 289 20.12 -12.43 -12.19
C GLY A 289 20.38 -13.80 -11.62
N ARG A 290 19.34 -14.50 -11.18
CA ARG A 290 19.51 -15.79 -10.52
C ARG A 290 20.17 -16.80 -11.45
N GLY A 291 21.21 -17.46 -10.96
CA GLY A 291 21.93 -18.44 -11.75
C GLY A 291 22.72 -17.86 -12.91
N ARG A 292 22.82 -16.54 -13.02
CA ARG A 292 23.49 -15.89 -14.13
C ARG A 292 24.57 -14.92 -13.70
N GLY A 293 24.97 -14.94 -12.43
CA GLY A 293 25.94 -14.00 -11.93
C GLY A 293 25.37 -12.68 -11.45
N GLY A 294 24.05 -12.58 -11.32
CA GLY A 294 23.42 -11.37 -10.81
C GLY A 294 22.84 -10.52 -11.93
N VAL A 295 22.14 -9.46 -11.51
CA VAL A 295 21.35 -8.66 -12.44
C VAL A 295 22.23 -8.01 -13.49
N SER A 296 23.31 -7.34 -13.07
CA SER A 296 24.17 -6.63 -14.02
C SER A 296 24.75 -7.59 -15.06
N ALA A 297 25.29 -8.72 -14.60
CA ALA A 297 25.89 -9.68 -15.52
C ALA A 297 24.85 -10.24 -16.49
N ALA A 298 23.65 -10.54 -16.01
CA ALA A 298 22.62 -11.11 -16.87
C ALA A 298 22.21 -10.12 -17.94
N LEU A 299 21.96 -8.87 -17.55
CA LEU A 299 21.51 -7.88 -18.51
C LEU A 299 22.60 -7.51 -19.51
N ARG A 300 23.84 -7.36 -19.02
CA ARG A 300 24.92 -6.96 -19.91
C ARG A 300 25.17 -8.01 -20.99
N ALA A 301 24.85 -9.27 -20.71
CA ALA A 301 25.12 -10.36 -21.64
C ALA A 301 23.98 -10.62 -22.62
N CYS A 302 22.86 -9.91 -22.49
CA CYS A 302 21.72 -10.11 -23.40
C CYS A 302 21.82 -9.14 -24.57
N PRO A 303 21.94 -9.62 -25.81
CA PRO A 303 22.13 -8.71 -26.95
C PRO A 303 20.85 -8.32 -27.68
N VAL A 304 19.68 -8.74 -27.21
CA VAL A 304 18.43 -8.51 -27.96
C VAL A 304 18.12 -7.02 -28.00
N PRO A 305 17.77 -6.46 -29.17
CA PRO A 305 17.26 -5.09 -29.19
C PRO A 305 15.98 -4.97 -28.39
N VAL A 306 15.88 -3.93 -27.58
CA VAL A 306 14.74 -3.76 -26.69
C VAL A 306 14.38 -2.29 -26.57
N VAL A 307 13.09 -2.05 -26.34
CA VAL A 307 12.59 -0.75 -25.91
C VAL A 307 12.19 -0.90 -24.44
N VAL A 308 12.66 0.02 -23.61
CA VAL A 308 12.35 0.03 -22.18
C VAL A 308 11.55 1.28 -21.87
N GLY A 309 10.41 1.10 -21.23
CA GLY A 309 9.54 2.21 -20.91
C GLY A 309 9.12 2.18 -19.46
N GLY A 310 8.93 3.37 -18.89
CA GLY A 310 8.47 3.50 -17.53
C GLY A 310 7.57 4.71 -17.39
N ILE A 311 6.75 4.69 -16.33
CA ILE A 311 5.70 5.67 -16.12
C ILE A 311 6.08 6.61 -14.98
N THR A 312 5.93 7.90 -15.22
CA THR A 312 6.42 8.91 -14.27
C THR A 312 5.80 8.73 -12.88
N SER A 313 4.51 8.40 -12.80
CA SER A 313 3.79 8.38 -11.53
C SER A 313 3.66 6.97 -10.96
N ASP A 314 4.38 6.00 -11.52
CA ASP A 314 4.29 4.60 -11.08
C ASP A 314 4.86 4.46 -9.67
N ARG A 315 4.02 4.00 -8.74
CA ARG A 315 4.42 3.81 -7.35
C ARG A 315 4.79 2.37 -7.02
N LEU A 316 4.45 1.41 -7.88
CA LEU A 316 4.77 0.01 -7.65
C LEU A 316 6.08 -0.40 -8.32
N TYR A 317 6.30 0.02 -9.57
CA TYR A 317 7.54 -0.21 -10.30
C TYR A 317 8.15 1.15 -10.63
N PRO A 318 8.77 1.82 -9.64
CA PRO A 318 9.23 3.19 -9.86
C PRO A 318 10.23 3.29 -11.01
N LEU A 319 10.28 4.49 -11.58
CA LEU A 319 11.05 4.74 -12.81
C LEU A 319 12.51 4.32 -12.67
N ARG A 320 13.06 4.40 -11.45
CA ARG A 320 14.45 3.98 -11.25
C ARG A 320 14.70 2.55 -11.72
N LEU A 321 13.67 1.69 -11.66
CA LEU A 321 13.85 0.31 -12.08
C LEU A 321 13.98 0.22 -13.60
N GLN A 322 13.28 1.07 -14.34
CA GLN A 322 13.41 1.06 -15.79
C GLN A 322 14.67 1.80 -16.24
N GLN A 323 15.11 2.81 -15.47
CA GLN A 323 16.41 3.42 -15.73
C GLN A 323 17.52 2.39 -15.64
N GLU A 324 17.43 1.49 -14.66
CA GLU A 324 18.44 0.44 -14.51
C GLU A 324 18.43 -0.51 -15.69
N LEU A 325 17.25 -0.94 -16.13
CA LEU A 325 17.17 -1.83 -17.29
C LEU A 325 17.73 -1.16 -18.54
N ALA A 326 17.35 0.10 -18.77
CA ALA A 326 17.82 0.80 -19.96
C ALA A 326 19.32 1.02 -19.94
N ASP A 327 19.90 1.20 -18.74
CA ASP A 327 21.33 1.44 -18.63
C ASP A 327 22.16 0.20 -18.88
N LEU A 328 21.61 -0.97 -18.55
CA LEU A 328 22.40 -2.21 -18.58
C LEU A 328 22.16 -3.07 -19.81
N LEU A 329 20.97 -3.06 -20.37
CA LEU A 329 20.70 -3.84 -21.57
C LEU A 329 21.37 -3.19 -22.78
N PRO A 330 22.37 -3.83 -23.41
CA PRO A 330 23.09 -3.15 -24.51
C PRO A 330 22.23 -2.89 -25.73
N GLY A 331 21.14 -3.63 -25.91
CA GLY A 331 20.22 -3.42 -27.01
C GLY A 331 19.23 -2.29 -26.82
N CYS A 332 19.29 -1.59 -25.70
CA CYS A 332 18.41 -0.46 -25.42
C CYS A 332 19.11 0.84 -25.78
N ALA A 333 18.47 1.64 -26.64
CA ALA A 333 19.03 2.91 -27.06
C ALA A 333 18.78 4.03 -26.06
N GLY A 334 17.93 3.83 -25.08
CA GLY A 334 17.66 4.84 -24.07
C GLY A 334 16.25 4.69 -23.51
N LEU A 335 16.10 5.06 -22.24
CA LEU A 335 14.82 4.92 -21.57
C LEU A 335 13.75 5.78 -22.22
N ARG A 336 12.57 5.20 -22.46
CA ARG A 336 11.40 5.95 -22.90
C ARG A 336 10.52 6.21 -21.69
N VAL A 337 10.21 7.49 -21.44
CA VAL A 337 9.42 7.89 -20.28
C VAL A 337 8.00 8.18 -20.74
N VAL A 338 7.04 7.47 -20.14
CA VAL A 338 5.62 7.70 -20.39
C VAL A 338 5.12 8.63 -19.31
N GLU A 339 4.70 9.84 -19.71
CA GLU A 339 4.10 10.79 -18.78
C GLU A 339 2.65 10.39 -18.55
N SER A 340 2.28 10.15 -17.29
CA SER A 340 0.94 9.73 -16.97
C SER A 340 0.64 10.10 -15.53
N VAL A 341 -0.61 10.51 -15.27
CA VAL A 341 -1.07 10.72 -13.90
C VAL A 341 -1.59 9.43 -13.27
N TYR A 342 -1.76 8.36 -14.06
CA TYR A 342 -2.52 7.19 -13.63
C TYR A 342 -1.68 6.12 -12.96
N GLY A 343 -0.43 6.42 -12.62
CA GLY A 343 0.40 5.46 -11.92
C GLY A 343 0.79 4.28 -12.79
N HIS A 344 1.02 3.14 -12.13
CA HIS A 344 1.34 1.90 -12.83
C HIS A 344 0.30 1.57 -13.88
N ASP A 345 -0.97 1.85 -13.59
CA ASP A 345 -2.05 1.59 -14.54
C ASP A 345 -1.91 2.38 -15.83
N GLY A 346 -0.99 3.36 -15.87
CA GLY A 346 -0.70 4.03 -17.12
C GLY A 346 -0.30 3.09 -18.23
N PHE A 347 0.24 1.91 -17.89
CA PHE A 347 0.65 0.97 -18.94
C PHE A 347 -0.56 0.35 -19.64
N LEU A 348 -1.74 0.42 -19.02
CA LEU A 348 -3.00 0.06 -19.65
C LEU A 348 -3.75 1.26 -20.21
N VAL A 349 -3.66 2.42 -19.55
CA VAL A 349 -4.50 3.56 -19.89
C VAL A 349 -3.90 4.43 -21.00
N GLU A 350 -2.58 4.52 -21.11
CA GLU A 350 -1.95 5.46 -22.04
C GLU A 350 -1.79 4.81 -23.41
N THR A 351 -2.94 4.64 -24.07
CA THR A 351 -2.98 3.85 -25.30
C THR A 351 -2.10 4.45 -26.38
N GLU A 352 -2.10 5.78 -26.51
CA GLU A 352 -1.30 6.40 -27.56
C GLU A 352 0.20 6.22 -27.28
N ALA A 353 0.63 6.52 -26.05
CA ALA A 353 2.04 6.41 -25.72
C ALA A 353 2.52 4.96 -25.82
N VAL A 354 1.74 4.03 -25.27
CA VAL A 354 2.14 2.62 -25.32
C VAL A 354 2.14 2.11 -26.75
N GLY A 355 1.16 2.55 -27.55
CA GLY A 355 1.14 2.15 -28.95
C GLY A 355 2.38 2.59 -29.70
N GLU A 356 2.90 3.77 -29.37
CA GLU A 356 4.14 4.23 -29.98
C GLU A 356 5.34 3.41 -29.53
N LEU A 357 5.35 2.93 -28.28
CA LEU A 357 6.42 2.06 -27.83
C LEU A 357 6.40 0.73 -28.58
N ILE A 358 5.21 0.19 -28.81
CA ILE A 358 5.10 -1.07 -29.55
C ILE A 358 5.59 -0.88 -30.98
N ARG A 359 5.19 0.21 -31.64
CA ARG A 359 5.66 0.47 -33.00
C ARG A 359 7.19 0.60 -33.04
N GLN A 360 7.77 1.31 -32.07
CA GLN A 360 9.22 1.39 -31.97
C GLN A 360 9.83 0.00 -31.87
N THR A 361 9.26 -0.85 -31.01
CA THR A 361 9.79 -2.19 -30.83
C THR A 361 9.75 -2.97 -32.13
N LEU A 362 8.59 -2.95 -32.82
CA LEU A 362 8.47 -3.72 -34.05
C LEU A 362 9.39 -3.17 -35.14
N GLY A 363 9.72 -1.88 -35.07
CA GLY A 363 10.71 -1.33 -35.97
C GLY A 363 12.07 -1.98 -35.81
N LEU A 364 12.40 -2.39 -34.58
CA LEU A 364 13.63 -3.10 -34.33
C LEU A 364 13.59 -4.56 -34.76
N ALA A 365 12.40 -5.10 -35.07
CA ALA A 365 12.27 -6.51 -35.39
C ALA A 365 12.36 -6.80 -36.88
N ASP A 366 12.04 -5.85 -37.75
CA ASP A 366 12.15 -6.08 -39.19
C ASP A 366 13.57 -5.83 -39.66
N ALA B 2 -8.36 22.36 38.44
CA ALA B 2 -8.04 22.38 39.87
C ALA B 2 -7.35 21.08 40.28
N MET B 3 -7.51 20.02 39.48
CA MET B 3 -6.77 18.79 39.73
C MET B 3 -5.27 19.05 39.60
N THR B 4 -4.48 18.25 40.32
CA THR B 4 -3.04 18.42 40.34
C THR B 4 -2.39 17.52 39.29
N LEU B 5 -1.37 18.05 38.63
CA LEU B 5 -0.63 17.25 37.68
C LEU B 5 -0.04 16.03 38.38
N PRO B 6 0.11 14.91 37.66
CA PRO B 6 0.80 13.76 38.26
C PRO B 6 2.27 14.06 38.46
N ALA B 7 2.89 13.30 39.36
CA ALA B 7 4.33 13.40 39.54
C ALA B 7 5.03 13.19 38.21
N GLU B 8 6.16 13.86 38.03
CA GLU B 8 6.87 13.79 36.75
C GLU B 8 7.05 12.34 36.32
N GLY B 9 6.70 12.07 35.06
CA GLY B 9 6.84 10.75 34.48
C GLY B 9 5.69 9.80 34.73
N GLU B 10 4.93 10.01 35.81
CA GLU B 10 3.86 9.09 36.17
C GLU B 10 2.57 9.43 35.42
N ILE B 11 1.72 8.42 35.26
CA ILE B 11 0.45 8.57 34.56
C ILE B 11 -0.60 9.08 35.54
N GLY B 12 -1.30 10.14 35.16
CA GLY B 12 -2.49 10.59 35.87
C GLY B 12 -3.71 10.34 35.01
N LEU B 13 -4.85 10.09 35.67
CA LEU B 13 -6.10 9.80 35.00
C LEU B 13 -7.07 10.93 35.30
N ILE B 14 -7.42 11.71 34.27
CA ILE B 14 -8.17 12.95 34.40
C ILE B 14 -9.60 12.72 33.94
N ASP B 15 -10.56 12.83 34.85
CA ASP B 15 -11.97 12.77 34.47
C ASP B 15 -12.39 14.10 33.87
N VAL B 16 -12.94 14.06 32.66
CA VAL B 16 -13.40 15.26 31.96
C VAL B 16 -14.89 15.26 31.72
N GLY B 17 -15.62 14.26 32.21
CA GLY B 17 -17.06 14.27 32.15
C GLY B 17 -17.60 13.94 30.77
N SER B 18 -18.71 14.59 30.39
CA SER B 18 -19.42 14.28 29.17
C SER B 18 -18.95 15.21 28.05
N LEU B 19 -18.88 14.66 26.84
CA LEU B 19 -18.50 15.43 25.65
C LEU B 19 -19.58 15.26 24.59
N GLN B 20 -19.98 16.38 23.99
CA GLN B 20 -20.73 16.36 22.74
C GLN B 20 -19.73 16.13 21.60
N LEU B 21 -20.03 15.17 20.73
CA LEU B 21 -19.13 14.80 19.65
C LEU B 21 -19.63 15.32 18.31
N GLU B 22 -18.70 15.42 17.35
CA GLU B 22 -19.05 15.98 16.05
C GLU B 22 -20.16 15.20 15.36
N SER B 23 -20.22 13.89 15.59
CA SER B 23 -21.25 13.07 14.97
C SER B 23 -22.65 13.33 15.53
N GLY B 24 -22.76 14.06 16.64
CA GLY B 24 -23.99 14.20 17.38
C GLY B 24 -24.07 13.31 18.59
N ALA B 25 -23.27 12.25 18.64
CA ALA B 25 -23.25 11.36 19.80
C ALA B 25 -22.76 12.13 21.03
N VAL B 26 -23.19 11.67 22.19
CA VAL B 26 -22.75 12.18 23.48
C VAL B 26 -22.12 11.03 24.25
N ILE B 27 -20.88 11.20 24.68
CA ILE B 27 -20.16 10.20 25.45
C ILE B 27 -19.94 10.74 26.86
N ASP B 28 -20.35 9.96 27.86
CA ASP B 28 -20.28 10.34 29.26
C ASP B 28 -19.09 9.68 29.95
N ASP B 29 -18.67 10.28 31.06
CA ASP B 29 -17.63 9.70 31.94
C ASP B 29 -16.34 9.41 31.18
N VAL B 30 -15.84 10.42 30.48
CA VAL B 30 -14.59 10.27 29.74
C VAL B 30 -13.41 10.47 30.67
N CYS B 31 -12.36 9.68 30.46
CA CYS B 31 -11.13 9.74 31.23
C CYS B 31 -9.96 9.87 30.27
N ILE B 32 -9.06 10.82 30.53
CA ILE B 32 -7.91 11.06 29.68
C ILE B 32 -6.65 10.85 30.51
N ALA B 33 -5.80 9.92 30.07
CA ALA B 33 -4.53 9.67 30.72
C ALA B 33 -3.51 10.73 30.31
N VAL B 34 -2.68 11.14 31.26
CA VAL B 34 -1.74 12.24 31.05
C VAL B 34 -0.41 11.93 31.72
N GLN B 35 0.69 12.32 31.05
CA GLN B 35 2.02 12.32 31.64
C GLN B 35 2.65 13.68 31.40
N ARG B 36 3.60 14.05 32.26
CA ARG B 36 4.24 15.35 32.12
C ARG B 36 5.69 15.30 32.58
N TRP B 37 6.50 16.19 32.00
CA TRP B 37 7.92 16.32 32.33
C TRP B 37 8.23 17.79 32.52
N GLY B 38 8.94 18.11 33.58
CA GLY B 38 9.25 19.49 33.91
C GLY B 38 8.20 20.13 34.80
N LYS B 39 8.61 21.19 35.47
CA LYS B 39 7.75 21.88 36.42
C LYS B 39 6.85 22.88 35.71
N LEU B 40 5.64 23.03 36.23
CA LEU B 40 4.71 24.04 35.73
C LEU B 40 5.04 25.40 36.33
N SER B 41 5.11 26.43 35.47
CA SER B 41 5.44 27.76 35.94
C SER B 41 4.30 28.30 36.82
N PRO B 42 4.60 29.27 37.70
CA PRO B 42 3.53 29.86 38.51
C PRO B 42 2.38 30.41 37.69
N ALA B 43 2.67 31.00 36.54
CA ALA B 43 1.61 31.50 35.66
C ALA B 43 0.96 30.40 34.83
N ARG B 44 1.44 29.15 34.92
CA ARG B 44 0.89 28.04 34.15
C ARG B 44 0.89 28.32 32.65
N ASP B 45 1.92 29.05 32.18
CA ASP B 45 1.99 29.50 30.81
C ASP B 45 3.17 28.88 30.05
N ASN B 46 3.70 27.75 30.51
CA ASN B 46 4.87 27.14 29.89
C ASN B 46 4.60 25.69 29.47
N VAL B 47 3.35 25.36 29.19
CA VAL B 47 2.99 24.00 28.81
C VAL B 47 3.24 23.79 27.34
N VAL B 48 3.93 22.69 27.01
CA VAL B 48 4.14 22.27 25.63
C VAL B 48 3.45 20.92 25.48
N VAL B 49 2.39 20.88 24.68
CA VAL B 49 1.59 19.68 24.53
C VAL B 49 2.19 18.84 23.40
N VAL B 50 2.52 17.59 23.70
CA VAL B 50 3.12 16.66 22.75
C VAL B 50 2.05 15.65 22.37
N LEU B 51 1.74 15.56 21.07
CA LEU B 51 0.59 14.82 20.56
C LEU B 51 1.04 13.61 19.77
N HIS B 52 0.66 12.42 20.25
CA HIS B 52 1.17 11.18 19.69
C HIS B 52 0.38 10.75 18.44
N ALA B 53 0.98 9.84 17.69
CA ALA B 53 0.44 9.38 16.42
C ALA B 53 -0.46 8.17 16.64
N LEU B 54 -0.79 7.46 15.55
CA LEU B 54 -1.90 6.51 15.56
C LEU B 54 -1.82 5.51 16.70
N THR B 55 -0.68 4.82 16.83
CA THR B 55 -0.53 3.78 17.85
C THR B 55 0.36 4.23 19.01
N GLY B 56 0.69 5.52 19.10
CA GLY B 56 1.47 6.02 20.21
C GLY B 56 0.66 6.10 21.49
N ASP B 57 1.31 6.59 22.55
CA ASP B 57 0.67 6.77 23.85
C ASP B 57 1.26 8.01 24.53
N SER B 58 0.93 8.20 25.80
CA SER B 58 1.40 9.40 26.51
C SER B 58 2.88 9.34 26.86
N HIS B 59 3.55 8.20 26.65
CA HIS B 59 4.93 8.00 27.08
C HIS B 59 5.86 8.49 25.97
N ILE B 60 6.22 9.77 26.02
CA ILE B 60 6.98 10.36 24.92
C ILE B 60 8.49 10.17 25.08
N THR B 61 8.97 9.95 26.30
CA THR B 61 10.40 9.84 26.55
C THR B 61 10.61 8.97 27.78
N GLY B 62 11.74 8.30 27.81
CA GLY B 62 12.07 7.40 28.89
C GLY B 62 12.00 5.95 28.43
N PRO B 63 12.51 5.05 29.26
CA PRO B 63 12.55 3.63 28.88
C PRO B 63 11.22 2.94 29.08
N ALA B 64 11.10 1.78 28.44
CA ALA B 64 9.98 0.90 28.74
C ALA B 64 10.14 0.32 30.14
N GLY B 65 9.03 -0.20 30.68
CA GLY B 65 9.04 -0.79 31.99
C GLY B 65 7.62 -1.07 32.45
N PRO B 66 7.46 -1.50 33.71
CA PRO B 66 6.12 -1.74 34.24
C PRO B 66 5.21 -0.54 34.01
N GLY B 67 4.09 -0.76 33.34
CA GLY B 67 3.18 0.31 32.98
C GLY B 67 3.49 0.99 31.67
N HIS B 68 4.56 0.59 30.98
CA HIS B 68 4.94 1.19 29.71
C HIS B 68 5.46 0.10 28.78
N PRO B 69 4.58 -0.49 27.97
CA PRO B 69 5.03 -1.54 27.05
C PRO B 69 6.08 -1.07 26.06
N THR B 70 6.08 0.21 25.70
CA THR B 70 7.04 0.74 24.75
C THR B 70 7.85 1.86 25.38
N PRO B 71 9.06 2.11 24.89
CA PRO B 71 9.83 3.27 25.34
C PRO B 71 9.25 4.54 24.76
N GLY B 72 9.76 5.66 25.25
CA GLY B 72 9.37 6.96 24.71
C GLY B 72 9.44 6.97 23.20
N TRP B 73 8.34 7.32 22.54
CA TRP B 73 8.35 7.31 21.08
C TRP B 73 9.10 8.49 20.49
N TRP B 74 9.34 9.54 21.27
CA TRP B 74 10.25 10.63 20.90
C TRP B 74 11.33 10.73 21.98
N ASP B 75 11.97 9.61 22.28
CA ASP B 75 12.88 9.53 23.41
C ASP B 75 13.91 10.65 23.38
N GLY B 76 14.01 11.37 24.49
CA GLY B 76 14.96 12.45 24.63
C GLY B 76 14.42 13.81 24.26
N VAL B 77 13.16 13.91 23.82
CA VAL B 77 12.61 15.17 23.38
C VAL B 77 12.38 16.12 24.54
N ALA B 78 12.21 15.60 25.76
CA ALA B 78 11.95 16.42 26.93
C ALA B 78 12.96 16.07 28.01
N GLY B 79 13.61 17.09 28.57
CA GLY B 79 14.61 16.91 29.58
C GLY B 79 15.47 18.15 29.72
N PRO B 80 16.43 18.13 30.64
CA PRO B 80 17.34 19.27 30.80
C PRO B 80 18.15 19.50 29.53
N GLY B 81 17.98 20.68 28.94
CA GLY B 81 18.68 21.03 27.71
C GLY B 81 18.16 20.36 26.46
N ALA B 82 17.06 19.62 26.55
CA ALA B 82 16.51 18.90 25.40
C ALA B 82 15.73 19.86 24.52
N PRO B 83 15.26 19.39 23.36
CA PRO B 83 14.46 20.28 22.49
C PRO B 83 13.29 20.93 23.22
N ILE B 84 12.60 20.19 24.07
CA ILE B 84 11.67 20.76 25.06
C ILE B 84 12.46 20.78 26.37
N ASP B 85 13.11 21.92 26.62
CA ASP B 85 14.02 22.07 27.75
C ASP B 85 13.21 22.17 29.04
N THR B 86 13.23 21.12 29.85
CA THR B 86 12.36 21.08 31.02
C THR B 86 12.82 22.00 32.14
N THR B 87 13.96 22.70 32.00
CA THR B 87 14.27 23.79 32.92
C THR B 87 13.42 25.02 32.66
N ARG B 88 12.72 25.07 31.53
CA ARG B 88 11.86 26.20 31.16
C ARG B 88 10.43 25.77 30.88
N TRP B 89 10.24 24.62 30.24
CA TRP B 89 8.94 24.18 29.75
C TRP B 89 8.44 22.97 30.52
N CYS B 90 7.12 22.81 30.52
CA CYS B 90 6.43 21.67 31.09
C CYS B 90 5.82 20.89 29.92
N ALA B 91 6.46 19.77 29.57
CA ALA B 91 5.96 18.91 28.49
C ALA B 91 4.82 18.05 29.00
N VAL B 92 3.67 18.12 28.35
CA VAL B 92 2.49 17.36 28.72
C VAL B 92 2.05 16.55 27.52
N ALA B 93 1.76 15.27 27.73
CA ALA B 93 1.25 14.39 26.71
C ALA B 93 0.07 13.58 27.24
N THR B 94 -0.98 13.47 26.43
CA THR B 94 -2.14 12.63 26.74
C THR B 94 -2.10 11.35 25.93
N ASN B 95 -2.86 10.36 26.40
CA ASN B 95 -3.30 9.26 25.56
C ASN B 95 -4.59 9.70 24.89
N VAL B 96 -4.62 9.63 23.55
CA VAL B 96 -5.72 10.20 22.80
C VAL B 96 -7.03 9.52 23.17
N LEU B 97 -8.12 10.30 23.11
CA LEU B 97 -9.45 9.72 23.16
C LEU B 97 -9.58 8.65 22.09
N GLY B 98 -10.06 7.47 22.49
CA GLY B 98 -10.12 6.32 21.61
C GLY B 98 -8.95 5.37 21.74
N GLY B 99 -7.93 5.73 22.50
CA GLY B 99 -6.76 4.90 22.68
C GLY B 99 -7.00 3.74 23.64
N CYS B 100 -5.90 3.07 23.98
CA CYS B 100 -5.99 1.88 24.81
C CYS B 100 -4.93 1.83 25.90
N ARG B 101 -4.27 2.95 26.20
CA ARG B 101 -3.26 2.97 27.25
C ARG B 101 -3.61 4.00 28.32
N GLY B 102 -4.86 3.99 28.77
CA GLY B 102 -5.28 4.81 29.89
C GLY B 102 -6.49 5.66 29.62
N SER B 103 -6.69 6.07 28.37
CA SER B 103 -7.80 6.95 28.02
C SER B 103 -8.99 6.13 27.53
N THR B 104 -10.16 6.76 27.56
CA THR B 104 -11.41 6.08 27.22
C THR B 104 -11.41 5.64 25.77
N GLY B 105 -11.58 4.34 25.55
CA GLY B 105 -11.65 3.76 24.23
C GLY B 105 -12.44 2.47 24.24
N PRO B 106 -12.55 1.84 23.07
CA PRO B 106 -13.40 0.63 22.95
C PRO B 106 -13.05 -0.47 23.94
N SER B 107 -11.78 -0.64 24.29
CA SER B 107 -11.39 -1.69 25.23
C SER B 107 -11.50 -1.24 26.67
N SER B 108 -11.67 0.05 26.93
CA SER B 108 -11.84 0.53 28.30
C SER B 108 -13.15 0.06 28.88
N LEU B 109 -13.18 -0.11 30.21
CA LEU B 109 -14.39 -0.52 30.89
C LEU B 109 -15.30 0.69 31.08
N ALA B 110 -16.54 0.58 30.61
CA ALA B 110 -17.57 1.56 30.89
C ALA B 110 -18.02 1.42 32.35
N ARG B 111 -18.95 2.29 32.76
CA ARG B 111 -19.39 2.32 34.15
C ARG B 111 -20.05 1.02 34.59
N ASP B 112 -20.55 0.20 33.66
CA ASP B 112 -21.11 -1.09 34.02
C ASP B 112 -20.05 -2.19 34.17
N GLY B 113 -18.76 -1.83 34.15
CA GLY B 113 -17.72 -2.81 34.30
C GLY B 113 -17.43 -3.64 33.08
N LYS B 114 -18.07 -3.34 31.94
CA LYS B 114 -17.84 -4.05 30.69
C LYS B 114 -17.16 -3.15 29.68
N PRO B 115 -16.37 -3.69 28.77
CA PRO B 115 -15.77 -2.86 27.72
C PRO B 115 -16.84 -2.07 26.97
N TRP B 116 -16.49 -0.83 26.62
CA TRP B 116 -17.33 -0.07 25.71
C TRP B 116 -17.69 -0.89 24.48
N GLY B 117 -16.67 -1.46 23.82
CA GLY B 117 -16.92 -2.27 22.65
C GLY B 117 -17.62 -1.48 21.57
N SER B 118 -18.60 -2.11 20.93
CA SER B 118 -19.35 -1.47 19.86
C SER B 118 -20.20 -0.32 20.35
N ARG B 119 -20.27 -0.10 21.66
CA ARG B 119 -20.95 1.08 22.18
C ARG B 119 -20.10 2.33 22.04
N PHE B 120 -18.81 2.19 21.80
CA PHE B 120 -17.96 3.37 21.69
C PHE B 120 -18.31 4.12 20.41
N PRO B 121 -18.60 5.41 20.47
CA PRO B 121 -19.04 6.13 19.27
C PRO B 121 -17.88 6.52 18.36
N LEU B 122 -18.20 6.76 17.10
CA LEU B 122 -17.19 7.25 16.17
C LEU B 122 -16.78 8.67 16.56
N ILE B 123 -15.48 8.92 16.51
CA ILE B 123 -14.91 10.19 16.92
C ILE B 123 -14.10 10.78 15.77
N SER B 124 -13.83 12.08 15.86
CA SER B 124 -13.06 12.82 14.88
C SER B 124 -11.78 13.33 15.53
N ILE B 125 -10.86 13.79 14.69
CA ILE B 125 -9.67 14.47 15.22
C ILE B 125 -10.10 15.63 16.11
N ARG B 126 -11.12 16.38 15.68
CA ARG B 126 -11.59 17.51 16.49
C ARG B 126 -12.09 17.04 17.85
N ASP B 127 -12.76 15.89 17.90
CA ASP B 127 -13.18 15.33 19.19
C ASP B 127 -11.97 15.05 20.07
N GLN B 128 -10.90 14.50 19.48
CA GLN B 128 -9.68 14.23 20.25
C GLN B 128 -9.11 15.50 20.85
N VAL B 129 -9.10 16.59 20.08
CA VAL B 129 -8.60 17.87 20.58
C VAL B 129 -9.48 18.40 21.70
N GLN B 130 -10.81 18.34 21.51
CA GLN B 130 -11.72 18.80 22.57
C GLN B 130 -11.43 18.08 23.88
N ALA B 131 -11.19 16.77 23.81
CA ALA B 131 -10.94 15.99 25.01
C ALA B 131 -9.62 16.38 25.68
N ASP B 132 -8.58 16.64 24.88
CA ASP B 132 -7.31 17.08 25.44
C ASP B 132 -7.44 18.46 26.07
N VAL B 133 -8.16 19.37 25.40
CA VAL B 133 -8.36 20.71 25.95
C VAL B 133 -9.15 20.64 27.26
N ALA B 134 -10.13 19.75 27.32
CA ALA B 134 -10.88 19.58 28.56
C ALA B 134 -10.02 18.99 29.67
N ALA B 135 -9.14 18.05 29.32
CA ALA B 135 -8.26 17.45 30.33
C ALA B 135 -7.32 18.51 30.91
N LEU B 136 -6.74 19.35 30.05
CA LEU B 136 -5.86 20.41 30.53
C LEU B 136 -6.64 21.40 31.40
N ALA B 137 -7.86 21.74 30.99
CA ALA B 137 -8.67 22.67 31.78
C ALA B 137 -8.97 22.11 33.16
N ALA B 138 -9.25 20.80 33.25
CA ALA B 138 -9.46 20.18 34.55
C ALA B 138 -8.23 20.31 35.43
N LEU B 139 -7.04 20.44 34.83
CA LEU B 139 -5.79 20.62 35.53
C LEU B 139 -5.45 22.09 35.74
N GLY B 140 -6.39 23.00 35.47
CA GLY B 140 -6.14 24.41 35.66
C GLY B 140 -5.28 25.05 34.58
N ILE B 141 -5.21 24.44 33.41
CA ILE B 141 -4.38 24.92 32.30
C ILE B 141 -5.34 25.27 31.17
N THR B 142 -5.53 26.58 30.93
CA THR B 142 -6.43 27.05 29.89
C THR B 142 -5.70 27.61 28.67
N GLU B 143 -4.40 27.85 28.77
CA GLU B 143 -3.59 28.29 27.65
C GLU B 143 -2.32 27.45 27.64
N VAL B 144 -1.83 27.13 26.45
CA VAL B 144 -0.60 26.37 26.30
C VAL B 144 0.38 27.19 25.47
N ALA B 145 1.67 27.01 25.77
CA ALA B 145 2.69 27.70 25.00
C ALA B 145 2.74 27.18 23.57
N ALA B 146 2.66 25.86 23.39
CA ALA B 146 2.77 25.30 22.05
C ALA B 146 2.16 23.90 22.02
N VAL B 147 1.81 23.48 20.81
CA VAL B 147 1.40 22.11 20.51
C VAL B 147 2.31 21.58 19.42
N VAL B 148 2.79 20.36 19.58
CA VAL B 148 3.75 19.77 18.65
C VAL B 148 3.33 18.33 18.38
N GLY B 149 3.40 17.92 17.11
CA GLY B 149 3.06 16.56 16.76
C GLY B 149 3.32 16.21 15.32
N GLY B 150 3.56 14.93 15.06
CA GLY B 150 3.68 14.42 13.71
C GLY B 150 2.61 13.40 13.37
N SER B 151 2.34 13.22 12.08
CA SER B 151 1.38 12.23 11.60
C SER B 151 0.03 12.54 12.23
N MET B 152 -0.68 11.57 12.81
CA MET B 152 -1.95 11.87 13.46
C MET B 152 -1.75 12.94 14.54
N GLY B 153 -0.58 12.96 15.18
CA GLY B 153 -0.28 14.03 16.12
C GLY B 153 -0.26 15.39 15.46
N GLY B 154 0.22 15.46 14.22
CA GLY B 154 0.19 16.72 13.49
C GLY B 154 -1.21 17.15 13.12
N ALA B 155 -2.10 16.19 12.87
CA ALA B 155 -3.50 16.51 12.62
C ALA B 155 -4.16 17.05 13.89
N ARG B 156 -3.88 16.43 15.03
CA ARG B 156 -4.35 16.98 16.30
C ARG B 156 -3.81 18.40 16.52
N ALA B 157 -2.53 18.62 16.25
CA ALA B 157 -1.95 19.95 16.42
C ALA B 157 -2.58 20.96 15.48
N LEU B 158 -2.85 20.55 14.24
CA LEU B 158 -3.46 21.46 13.29
C LEU B 158 -4.86 21.89 13.74
N GLU B 159 -5.66 20.93 14.17
CA GLU B 159 -7.00 21.28 14.63
C GLU B 159 -6.97 22.07 15.93
N TRP B 160 -5.91 21.89 16.73
CA TRP B 160 -5.76 22.67 17.95
C TRP B 160 -5.48 24.15 17.63
N VAL B 161 -4.53 24.41 16.73
CA VAL B 161 -4.18 25.80 16.44
C VAL B 161 -5.32 26.49 15.69
N VAL B 162 -6.04 25.75 14.85
CA VAL B 162 -7.14 26.33 14.10
C VAL B 162 -8.36 26.51 14.98
N GLY B 163 -8.65 25.54 15.85
CA GLY B 163 -9.85 25.60 16.66
C GLY B 163 -9.72 26.47 17.89
N TYR B 164 -8.51 26.64 18.41
CA TYR B 164 -8.29 27.42 19.64
C TYR B 164 -7.15 28.41 19.46
N PRO B 165 -7.22 29.26 18.44
CA PRO B 165 -6.07 30.13 18.12
C PRO B 165 -5.70 31.09 19.23
N ASP B 166 -6.64 31.43 20.11
CA ASP B 166 -6.36 32.35 21.20
C ASP B 166 -5.78 31.66 22.43
N ARG B 167 -5.67 30.33 22.43
CA ARG B 167 -5.22 29.58 23.59
C ARG B 167 -3.93 28.81 23.34
N VAL B 168 -3.23 29.09 22.24
CA VAL B 168 -1.96 28.45 21.95
C VAL B 168 -1.08 29.45 21.23
N ARG B 169 0.20 29.51 21.60
CA ARG B 169 1.09 30.54 21.08
C ARG B 169 1.88 30.08 19.86
N ALA B 170 2.07 28.79 19.66
CA ALA B 170 2.80 28.29 18.50
C ALA B 170 2.49 26.82 18.29
N GLY B 171 2.75 26.34 17.08
CA GLY B 171 2.54 24.93 16.78
C GLY B 171 3.59 24.39 15.83
N LEU B 172 3.86 23.09 15.98
CA LEU B 172 4.65 22.33 15.01
C LEU B 172 3.72 21.34 14.31
N LEU B 173 3.61 21.47 13.00
CA LEU B 173 2.82 20.56 12.16
C LEU B 173 3.82 19.76 11.33
N LEU B 174 3.97 18.49 11.64
CA LEU B 174 5.00 17.64 11.03
C LEU B 174 4.34 16.46 10.33
N ALA B 175 4.68 16.29 9.05
CA ALA B 175 4.31 15.10 8.29
C ALA B 175 2.80 14.83 8.39
N VAL B 176 2.04 15.81 7.90
CA VAL B 176 0.58 15.78 7.96
C VAL B 176 0.05 16.65 6.82
N GLY B 177 -1.26 16.55 6.56
CA GLY B 177 -1.91 17.37 5.57
C GLY B 177 -3.09 18.12 6.17
N ALA B 178 -3.65 19.02 5.37
CA ALA B 178 -4.80 19.79 5.81
C ALA B 178 -6.05 18.94 5.94
N ARG B 179 -6.21 17.94 5.08
CA ARG B 179 -7.33 17.00 5.15
C ARG B 179 -6.84 15.64 4.69
N ALA B 180 -7.59 14.61 5.05
CA ALA B 180 -7.28 13.28 4.55
C ALA B 180 -7.39 13.27 3.03
N THR B 181 -6.49 12.53 2.39
CA THR B 181 -6.48 12.38 0.94
C THR B 181 -7.15 11.06 0.53
N ALA B 182 -7.50 10.98 -0.75
CA ALA B 182 -8.11 9.76 -1.27
C ALA B 182 -7.24 8.54 -1.03
N ASP B 183 -5.93 8.67 -1.30
CA ASP B 183 -5.03 7.52 -1.11
C ASP B 183 -5.00 7.09 0.35
N GLN B 184 -4.88 8.06 1.26
CA GLN B 184 -4.91 7.73 2.70
C GLN B 184 -6.21 7.04 3.06
N ILE B 185 -7.34 7.60 2.62
CA ILE B 185 -8.64 7.00 2.91
C ILE B 185 -8.73 5.61 2.29
N GLY B 186 -8.19 5.46 1.08
CA GLY B 186 -8.15 4.15 0.45
C GLY B 186 -7.49 3.10 1.31
N THR B 187 -6.23 3.33 1.70
CA THR B 187 -5.53 2.32 2.49
C THR B 187 -6.14 2.18 3.87
N GLN B 188 -6.61 3.29 4.44
CA GLN B 188 -7.15 3.26 5.80
C GLN B 188 -8.47 2.51 5.88
N THR B 189 -9.39 2.77 4.95
CA THR B 189 -10.65 2.02 4.97
C THR B 189 -10.42 0.55 4.66
N THR B 190 -9.43 0.22 3.83
CA THR B 190 -9.16 -1.19 3.57
C THR B 190 -8.48 -1.85 4.77
N GLN B 191 -7.67 -1.10 5.51
CA GLN B 191 -7.13 -1.63 6.76
C GLN B 191 -8.26 -1.96 7.73
N ILE B 192 -9.22 -1.05 7.88
CA ILE B 192 -10.37 -1.31 8.74
C ILE B 192 -11.13 -2.54 8.24
N ALA B 193 -11.34 -2.63 6.93
CA ALA B 193 -12.05 -3.77 6.35
C ALA B 193 -11.35 -5.08 6.70
N ALA B 194 -10.02 -5.09 6.67
CA ALA B 194 -9.29 -6.31 7.02
C ALA B 194 -9.60 -6.75 8.45
N ILE B 195 -9.65 -5.79 9.37
CA ILE B 195 -9.98 -6.13 10.76
C ILE B 195 -11.41 -6.61 10.87
N LYS B 196 -12.35 -5.92 10.21
CA LYS B 196 -13.75 -6.26 10.35
C LYS B 196 -14.09 -7.57 9.65
N ALA B 197 -13.32 -7.94 8.62
CA ALA B 197 -13.52 -9.21 7.94
C ALA B 197 -13.01 -10.39 8.74
N ASP B 198 -12.17 -10.14 9.74
CA ASP B 198 -11.68 -11.21 10.59
C ASP B 198 -12.85 -11.85 11.33
N PRO B 199 -13.00 -13.18 11.29
CA PRO B 199 -14.20 -13.77 11.91
C PRO B 199 -14.30 -13.56 13.42
N ASP B 200 -13.21 -13.18 14.08
CA ASP B 200 -13.23 -12.95 15.52
C ASP B 200 -13.45 -11.49 15.88
N TRP B 201 -13.68 -10.62 14.89
CA TRP B 201 -14.05 -9.24 15.16
C TRP B 201 -15.35 -9.18 15.97
N GLN B 202 -16.32 -10.02 15.62
CA GLN B 202 -17.55 -10.17 16.40
C GLN B 202 -18.25 -8.82 16.58
N SER B 203 -18.37 -8.09 15.48
CA SER B 203 -19.07 -6.80 15.45
C SER B 203 -18.43 -5.77 16.38
N GLY B 204 -17.15 -5.96 16.71
CA GLY B 204 -16.46 -5.08 17.63
C GLY B 204 -16.61 -5.45 19.09
N ASP B 205 -17.33 -6.52 19.40
CA ASP B 205 -17.57 -6.94 20.78
C ASP B 205 -16.86 -8.24 21.10
N TYR B 206 -15.62 -8.37 20.63
CA TYR B 206 -14.78 -9.52 20.92
C TYR B 206 -14.18 -9.46 22.32
N HIS B 207 -14.21 -8.28 22.96
CA HIS B 207 -13.35 -8.02 24.11
C HIS B 207 -13.55 -9.05 25.22
N GLU B 208 -14.77 -9.54 25.42
CA GLU B 208 -15.03 -10.47 26.51
C GLU B 208 -14.98 -11.94 26.07
N THR B 209 -14.77 -12.23 24.80
CA THR B 209 -15.02 -13.56 24.26
C THR B 209 -13.82 -14.49 24.31
N GLY B 210 -12.64 -14.00 24.65
CA GLY B 210 -11.46 -14.83 24.55
C GLY B 210 -10.95 -15.03 23.15
N ARG B 211 -11.64 -14.52 22.14
CA ARG B 211 -11.15 -14.46 20.77
C ARG B 211 -11.02 -13.00 20.37
N ALA B 212 -10.03 -12.72 19.52
CA ALA B 212 -9.77 -11.36 19.06
C ALA B 212 -9.35 -11.42 17.60
N PRO B 213 -9.57 -10.34 16.85
CA PRO B 213 -9.23 -10.34 15.40
C PRO B 213 -7.74 -10.14 15.16
N ASP B 214 -6.94 -11.11 15.60
CA ASP B 214 -5.48 -10.96 15.53
C ASP B 214 -4.98 -11.01 14.08
N ALA B 215 -5.56 -11.88 13.26
CA ALA B 215 -5.13 -11.97 11.86
C ALA B 215 -5.40 -10.66 11.13
N GLY B 216 -6.62 -10.13 11.29
CA GLY B 216 -6.95 -8.87 10.63
C GLY B 216 -6.07 -7.72 11.09
N LEU B 217 -5.85 -7.60 12.40
CA LEU B 217 -5.01 -6.51 12.89
C LEU B 217 -3.59 -6.62 12.36
N ARG B 218 -3.05 -7.84 12.31
CA ARG B 218 -1.70 -8.02 11.75
C ARG B 218 -1.63 -7.56 10.31
N LEU B 219 -2.60 -7.96 9.49
CA LEU B 219 -2.62 -7.56 8.09
C LEU B 219 -2.70 -6.04 7.95
N ALA B 220 -3.59 -5.40 8.72
CA ALA B 220 -3.70 -3.95 8.67
C ALA B 220 -2.36 -3.29 8.98
N ARG B 221 -1.69 -3.76 10.04
CA ARG B 221 -0.41 -3.16 10.42
C ARG B 221 0.68 -3.41 9.36
N ARG B 222 0.65 -4.56 8.70
CA ARG B 222 1.67 -4.84 7.68
C ARG B 222 1.51 -3.90 6.50
N PHE B 223 0.29 -3.73 6.00
CA PHE B 223 0.09 -2.78 4.91
C PHE B 223 0.39 -1.37 5.35
N ALA B 224 -0.05 -0.99 6.57
CA ALA B 224 0.25 0.35 7.07
C ALA B 224 1.75 0.60 7.15
N HIS B 225 2.49 -0.37 7.65
CA HIS B 225 3.93 -0.18 7.82
C HIS B 225 4.62 0.08 6.50
N LEU B 226 4.15 -0.54 5.42
CA LEU B 226 4.73 -0.25 4.11
C LEU B 226 4.50 1.21 3.72
N THR B 227 3.30 1.74 4.00
CA THR B 227 3.07 3.15 3.71
C THR B 227 3.95 4.07 4.55
N TYR B 228 4.45 3.60 5.69
CA TYR B 228 5.29 4.42 6.54
C TYR B 228 6.76 4.45 6.12
N ARG B 229 7.18 3.60 5.19
CA ARG B 229 8.60 3.44 4.89
C ARG B 229 8.96 4.07 3.55
N GLY B 230 10.26 4.17 3.31
CA GLY B 230 10.78 4.63 2.03
C GLY B 230 11.03 3.45 1.10
N GLU B 231 10.66 3.63 -0.17
CA GLU B 231 10.77 2.54 -1.13
C GLU B 231 12.22 2.11 -1.31
N ILE B 232 13.13 3.09 -1.48
CA ILE B 232 14.53 2.76 -1.74
C ILE B 232 15.17 2.12 -0.52
N GLU B 233 14.96 2.70 0.67
CA GLU B 233 15.59 2.17 1.87
CA GLU B 233 15.61 2.16 1.86
C GLU B 233 15.16 0.73 2.13
N LEU B 234 13.89 0.42 1.90
CA LEU B 234 13.42 -0.95 2.08
C LEU B 234 14.22 -1.92 1.21
N ASP B 235 14.44 -1.57 -0.05
CA ASP B 235 15.18 -2.46 -0.95
C ASP B 235 16.66 -2.48 -0.61
N THR B 236 17.21 -1.36 -0.13
CA THR B 236 18.59 -1.35 0.34
C THR B 236 18.77 -2.29 1.52
N ARG B 237 17.78 -2.33 2.42
CA ARG B 237 17.91 -3.13 3.64
C ARG B 237 17.65 -4.61 3.38
N PHE B 238 16.63 -4.95 2.59
CA PHE B 238 16.20 -6.33 2.42
C PHE B 238 16.35 -6.86 1.01
N ALA B 239 16.28 -6.01 -0.01
CA ALA B 239 16.23 -6.45 -1.40
C ALA B 239 15.20 -7.57 -1.55
N ASN B 240 15.53 -8.60 -2.33
CA ASN B 240 14.70 -9.81 -2.44
C ASN B 240 15.33 -10.99 -1.71
N HIS B 241 16.17 -10.71 -0.71
CA HIS B 241 16.87 -11.75 0.02
C HIS B 241 15.90 -12.56 0.88
N ASN B 242 16.31 -13.80 1.16
CA ASN B 242 15.58 -14.68 2.04
C ASN B 242 15.90 -14.36 3.50
N GLN B 243 15.01 -14.80 4.39
CA GLN B 243 15.23 -14.66 5.82
C GLN B 243 16.19 -15.75 6.27
N GLY B 244 17.34 -15.36 6.79
CA GLY B 244 18.31 -16.34 7.27
C GLY B 244 18.58 -17.40 6.22
N ASN B 245 18.43 -18.67 6.64
CA ASN B 245 18.62 -19.81 5.76
C ASN B 245 17.28 -20.39 5.29
N GLU B 246 16.20 -19.61 5.40
CA GLU B 246 14.89 -20.10 4.98
C GLU B 246 14.79 -20.11 3.46
N ASP B 247 13.96 -21.02 2.95
CA ASP B 247 13.76 -21.22 1.52
C ASP B 247 12.34 -20.81 1.15
N PRO B 248 12.12 -19.66 0.51
CA PRO B 248 10.75 -19.26 0.20
C PRO B 248 10.04 -20.18 -0.76
N THR B 249 10.77 -20.92 -1.60
CA THR B 249 10.13 -21.90 -2.49
C THR B 249 9.67 -23.14 -1.76
N ALA B 250 9.86 -23.21 -0.45
CA ALA B 250 9.51 -24.40 0.33
C ALA B 250 8.98 -23.99 1.70
N GLY B 251 8.14 -22.96 1.73
CA GLY B 251 7.51 -22.52 2.95
C GLY B 251 8.27 -21.45 3.73
N GLY B 252 9.49 -21.12 3.33
CA GLY B 252 10.26 -20.11 4.00
C GLY B 252 9.80 -18.71 3.65
N ARG B 253 10.45 -17.72 4.27
CA ARG B 253 10.07 -16.33 4.11
C ARG B 253 11.18 -15.53 3.45
N TYR B 254 10.78 -14.46 2.76
CA TYR B 254 11.69 -13.41 2.37
C TYR B 254 12.02 -12.55 3.58
N ALA B 255 13.14 -11.82 3.48
CA ALA B 255 13.58 -11.00 4.61
C ALA B 255 12.58 -9.90 4.93
N VAL B 256 12.11 -9.18 3.90
CA VAL B 256 11.15 -8.12 4.14
C VAL B 256 9.83 -8.69 4.67
N GLN B 257 9.52 -9.93 4.31
CA GLN B 257 8.31 -10.58 4.79
C GLN B 257 8.40 -10.89 6.28
N SER B 258 9.52 -11.48 6.71
CA SER B 258 9.73 -11.74 8.12
C SER B 258 9.70 -10.44 8.92
N TYR B 259 10.29 -9.37 8.36
CA TYR B 259 10.26 -8.07 9.00
C TYR B 259 8.83 -7.56 9.18
N LEU B 260 8.00 -7.69 8.14
CA LEU B 260 6.62 -7.23 8.26
C LEU B 260 5.83 -8.08 9.26
N GLU B 261 6.05 -9.40 9.24
CA GLU B 261 5.39 -10.25 10.24
C GLU B 261 5.76 -9.81 11.65
N HIS B 262 7.03 -9.45 11.86
CA HIS B 262 7.47 -9.01 13.18
C HIS B 262 6.80 -7.70 13.58
N GLN B 263 6.63 -6.77 12.63
CA GLN B 263 5.91 -5.54 12.94
C GLN B 263 4.48 -5.84 13.38
N GLY B 264 3.82 -6.79 12.72
CA GLY B 264 2.47 -7.16 13.14
C GLY B 264 2.45 -7.75 14.52
N ASP B 265 3.38 -8.65 14.82
CA ASP B 265 3.42 -9.28 16.14
C ASP B 265 3.66 -8.24 17.23
N LYS B 266 4.55 -7.27 16.98
CA LYS B 266 4.83 -6.27 18.00
C LYS B 266 3.58 -5.46 18.34
N LEU B 267 2.81 -5.05 17.33
CA LEU B 267 1.62 -4.26 17.61
C LEU B 267 0.60 -5.07 18.39
N LEU B 268 0.38 -6.32 17.98
CA LEU B 268 -0.63 -7.15 18.64
C LEU B 268 -0.38 -7.24 20.14
N SER B 269 0.88 -7.28 20.56
CA SER B 269 1.20 -7.45 21.97
C SER B 269 0.89 -6.22 22.81
N ARG B 270 0.64 -5.06 22.19
CA ARG B 270 0.51 -3.83 22.96
C ARG B 270 -0.68 -2.95 22.58
N PHE B 271 -1.49 -3.35 21.60
CA PHE B 271 -2.50 -2.45 21.03
C PHE B 271 -3.79 -3.22 20.76
N ASP B 272 -4.91 -2.50 20.82
CA ASP B 272 -6.24 -3.08 20.69
C ASP B 272 -6.81 -2.82 19.30
N ALA B 273 -7.39 -3.86 18.69
CA ALA B 273 -7.94 -3.73 17.35
C ALA B 273 -9.07 -2.72 17.30
N GLY B 274 -9.92 -2.69 18.33
CA GLY B 274 -10.98 -1.70 18.37
C GLY B 274 -10.45 -0.28 18.35
N SER B 275 -9.37 -0.02 19.08
CA SER B 275 -8.72 1.29 19.02
C SER B 275 -8.19 1.57 17.62
N TYR B 276 -7.54 0.58 17.01
CA TYR B 276 -7.04 0.78 15.65
C TYR B 276 -8.16 1.23 14.72
N VAL B 277 -9.33 0.60 14.82
CA VAL B 277 -10.45 0.95 13.95
C VAL B 277 -10.93 2.37 14.26
N ILE B 278 -11.16 2.67 15.53
CA ILE B 278 -11.71 3.97 15.92
C ILE B 278 -10.76 5.09 15.51
N LEU B 279 -9.46 4.92 15.76
CA LEU B 279 -8.52 5.99 15.45
C LEU B 279 -8.29 6.13 13.95
N THR B 280 -8.32 5.02 13.20
CA THR B 280 -8.23 5.12 11.76
C THR B 280 -9.47 5.80 11.17
N GLU B 281 -10.64 5.58 11.76
CA GLU B 281 -11.82 6.31 11.32
C GLU B 281 -11.65 7.81 11.55
N ALA B 282 -11.03 8.20 12.66
CA ALA B 282 -10.75 9.62 12.90
C ALA B 282 -9.81 10.18 11.83
N LEU B 283 -8.82 9.40 11.41
CA LEU B 283 -7.96 9.84 10.31
C LEU B 283 -8.79 10.05 9.04
N ASN B 284 -9.73 9.15 8.77
CA ASN B 284 -10.53 9.24 7.55
C ASN B 284 -11.33 10.54 7.50
N SER B 285 -11.81 11.03 8.64
CA SER B 285 -12.67 12.20 8.68
C SER B 285 -11.90 13.50 8.91
N HIS B 286 -10.57 13.44 8.92
CA HIS B 286 -9.75 14.65 9.08
C HIS B 286 -10.00 15.61 7.93
N ASP B 287 -10.30 16.87 8.27
CA ASP B 287 -10.60 17.90 7.30
C ASP B 287 -10.72 19.26 8.00
N VAL B 288 -9.62 20.01 8.01
CA VAL B 288 -9.60 21.31 8.69
C VAL B 288 -10.61 22.28 8.09
N GLY B 289 -11.10 22.00 6.89
CA GLY B 289 -12.00 22.91 6.20
C GLY B 289 -13.47 22.71 6.52
N ARG B 290 -13.83 21.57 7.10
CA ARG B 290 -15.24 21.26 7.36
C ARG B 290 -15.87 22.33 8.24
N GLY B 291 -17.00 22.87 7.79
CA GLY B 291 -17.70 23.90 8.54
C GLY B 291 -16.99 25.23 8.63
N ARG B 292 -15.88 25.40 7.90
CA ARG B 292 -15.09 26.62 7.95
C ARG B 292 -14.86 27.20 6.55
N GLY B 293 -15.60 26.74 5.56
CA GLY B 293 -15.51 27.27 4.22
C GLY B 293 -14.47 26.61 3.34
N GLY B 294 -13.92 25.47 3.74
CA GLY B 294 -12.92 24.77 2.96
C GLY B 294 -11.52 24.95 3.54
N VAL B 295 -10.59 24.17 2.96
CA VAL B 295 -9.23 24.12 3.51
C VAL B 295 -8.56 25.49 3.43
N SER B 296 -8.64 26.15 2.28
CA SER B 296 -7.94 27.42 2.10
C SER B 296 -8.47 28.49 3.07
N ALA B 297 -9.79 28.62 3.16
CA ALA B 297 -10.37 29.62 4.05
C ALA B 297 -9.96 29.36 5.50
N ALA B 298 -9.99 28.10 5.94
CA ALA B 298 -9.68 27.79 7.32
C ALA B 298 -8.23 28.10 7.65
N LEU B 299 -7.29 27.69 6.77
CA LEU B 299 -5.88 27.94 7.06
C LEU B 299 -5.55 29.43 6.98
N ARG B 300 -6.10 30.13 5.99
CA ARG B 300 -5.76 31.53 5.83
C ARG B 300 -6.23 32.37 7.02
N ALA B 301 -7.26 31.91 7.72
CA ALA B 301 -7.82 32.66 8.85
C ALA B 301 -7.18 32.29 10.19
N CYS B 302 -6.19 31.39 10.20
CA CYS B 302 -5.53 31.01 11.43
C CYS B 302 -4.28 31.84 11.62
N PRO B 303 -4.18 32.67 12.64
CA PRO B 303 -3.00 33.54 12.82
C PRO B 303 -1.90 32.97 13.69
N VAL B 304 -1.97 31.70 14.08
CA VAL B 304 -1.00 31.15 15.04
C VAL B 304 0.34 30.95 14.35
N PRO B 305 1.44 31.42 14.93
CA PRO B 305 2.77 31.07 14.40
C PRO B 305 2.96 29.55 14.40
N VAL B 306 3.48 29.03 13.29
CA VAL B 306 3.65 27.59 13.16
C VAL B 306 4.93 27.28 12.39
N VAL B 307 5.55 26.16 12.74
CA VAL B 307 6.57 25.53 11.93
C VAL B 307 5.93 24.34 11.24
N VAL B 308 6.11 24.23 9.93
CA VAL B 308 5.58 23.12 9.14
C VAL B 308 6.77 22.32 8.61
N GLY B 309 6.76 21.04 8.87
CA GLY B 309 7.82 20.16 8.41
C GLY B 309 7.28 18.97 7.65
N GLY B 310 8.02 18.56 6.62
CA GLY B 310 7.66 17.40 5.84
C GLY B 310 8.92 16.64 5.46
N ILE B 311 8.73 15.36 5.15
CA ILE B 311 9.82 14.42 4.91
C ILE B 311 9.86 14.10 3.42
N THR B 312 11.07 14.15 2.84
CA THR B 312 11.19 14.04 1.38
C THR B 312 10.64 12.71 0.86
N SER B 313 10.93 11.61 1.54
CA SER B 313 10.56 10.28 1.04
C SER B 313 9.20 9.80 1.55
N ASP B 314 8.44 10.66 2.22
CA ASP B 314 7.14 10.27 2.77
C ASP B 314 6.19 9.80 1.65
N ARG B 315 5.71 8.56 1.75
CA ARG B 315 4.79 8.00 0.77
C ARG B 315 3.34 8.07 1.21
N LEU B 316 3.08 8.31 2.50
CA LEU B 316 1.72 8.37 3.02
C LEU B 316 1.19 9.79 3.11
N TYR B 317 2.02 10.72 3.58
CA TYR B 317 1.71 12.16 3.62
C TYR B 317 2.74 12.87 2.75
N PRO B 318 2.58 12.81 1.42
CA PRO B 318 3.60 13.36 0.52
C PRO B 318 3.88 14.83 0.80
N LEU B 319 5.09 15.25 0.41
CA LEU B 319 5.59 16.58 0.74
C LEU B 319 4.65 17.69 0.24
N ARG B 320 3.95 17.45 -0.87
CA ARG B 320 3.04 18.47 -1.40
C ARG B 320 2.00 18.88 -0.36
N LEU B 321 1.65 17.99 0.56
CA LEU B 321 0.65 18.33 1.57
C LEU B 321 1.20 19.32 2.59
N GLN B 322 2.46 19.18 2.96
CA GLN B 322 3.07 20.15 3.88
C GLN B 322 3.40 21.45 3.18
N GLN B 323 3.74 21.42 1.89
CA GLN B 323 3.94 22.66 1.16
C GLN B 323 2.65 23.48 1.14
N GLU B 324 1.51 22.80 0.96
CA GLU B 324 0.23 23.51 0.99
C GLU B 324 -0.02 24.14 2.36
N LEU B 325 0.24 23.41 3.44
CA LEU B 325 0.09 23.97 4.78
C LEU B 325 0.96 25.20 4.96
N ALA B 326 2.22 25.13 4.50
CA ALA B 326 3.13 26.26 4.69
C ALA B 326 2.74 27.45 3.83
N ASP B 327 2.15 27.19 2.65
CA ASP B 327 1.76 28.27 1.76
C ASP B 327 0.53 29.02 2.27
N LEU B 328 -0.37 28.34 2.97
CA LEU B 328 -1.67 28.93 3.31
C LEU B 328 -1.73 29.48 4.73
N LEU B 329 -0.98 28.92 5.66
CA LEU B 329 -1.01 29.41 7.04
C LEU B 329 -0.18 30.69 7.16
N PRO B 330 -0.80 31.83 7.49
CA PRO B 330 -0.03 33.09 7.49
C PRO B 330 1.05 33.15 8.55
N GLY B 331 0.98 32.31 9.57
CA GLY B 331 1.99 32.26 10.61
C GLY B 331 3.17 31.36 10.30
N CYS B 332 3.26 30.81 9.08
CA CYS B 332 4.36 29.95 8.69
C CYS B 332 5.33 30.73 7.81
N ALA B 333 6.62 30.72 8.17
CA ALA B 333 7.63 31.43 7.41
C ALA B 333 8.07 30.67 6.17
N GLY B 334 7.79 29.37 6.10
CA GLY B 334 8.16 28.56 4.96
C GLY B 334 8.30 27.11 5.36
N LEU B 335 8.14 26.24 4.37
CA LEU B 335 8.27 24.81 4.62
C LEU B 335 9.69 24.48 5.07
N ARG B 336 9.79 23.65 6.10
CA ARG B 336 11.05 23.04 6.52
C ARG B 336 11.07 21.61 5.99
N VAL B 337 12.02 21.31 5.13
CA VAL B 337 12.10 20.02 4.46
C VAL B 337 13.11 19.15 5.19
N VAL B 338 12.66 18.00 5.69
CA VAL B 338 13.51 17.02 6.31
C VAL B 338 13.87 15.98 5.26
N GLU B 339 15.11 16.00 4.78
CA GLU B 339 15.56 14.95 3.87
C GLU B 339 15.86 13.69 4.68
N SER B 340 15.20 12.60 4.32
CA SER B 340 15.32 11.35 5.03
C SER B 340 15.04 10.22 4.04
N VAL B 341 15.71 9.09 4.23
CA VAL B 341 15.39 7.92 3.43
C VAL B 341 14.28 7.08 4.05
N TYR B 342 13.88 7.35 5.29
CA TYR B 342 13.03 6.44 6.05
C TYR B 342 11.53 6.68 5.86
N GLY B 343 11.14 7.50 4.88
CA GLY B 343 9.72 7.69 4.62
C GLY B 343 9.01 8.44 5.75
N HIS B 344 7.69 8.22 5.83
CA HIS B 344 6.89 8.81 6.89
C HIS B 344 7.54 8.59 8.25
N ASP B 345 8.08 7.39 8.49
CA ASP B 345 8.71 7.08 9.77
C ASP B 345 9.86 8.02 10.12
N GLY B 346 10.33 8.83 9.16
CA GLY B 346 11.32 9.83 9.47
C GLY B 346 10.92 10.75 10.61
N PHE B 347 9.61 11.02 10.77
CA PHE B 347 9.16 11.91 11.84
C PHE B 347 9.44 11.33 13.22
N LEU B 348 9.73 10.03 13.31
CA LEU B 348 10.15 9.38 14.55
C LEU B 348 11.65 9.12 14.60
N VAL B 349 12.30 8.91 13.46
CA VAL B 349 13.67 8.43 13.41
C VAL B 349 14.68 9.57 13.28
N GLU B 350 14.28 10.68 12.65
CA GLU B 350 15.21 11.79 12.40
C GLU B 350 15.30 12.69 13.63
N THR B 351 15.90 12.14 14.68
CA THR B 351 15.84 12.78 15.99
C THR B 351 16.46 14.17 15.97
N GLU B 352 17.59 14.33 15.27
CA GLU B 352 18.25 15.64 15.26
C GLU B 352 17.41 16.67 14.51
N ALA B 353 16.93 16.32 13.32
CA ALA B 353 16.14 17.26 12.52
C ALA B 353 14.82 17.61 13.20
N VAL B 354 14.15 16.62 13.79
CA VAL B 354 12.88 16.91 14.45
C VAL B 354 13.12 17.71 15.72
N GLY B 355 14.21 17.42 16.44
CA GLY B 355 14.56 18.24 17.59
C GLY B 355 14.71 19.71 17.23
N GLU B 356 15.33 20.00 16.09
CA GLU B 356 15.52 21.39 15.69
C GLU B 356 14.19 22.05 15.32
N LEU B 357 13.29 21.32 14.66
CA LEU B 357 11.98 21.87 14.38
C LEU B 357 11.25 22.23 15.66
N ILE B 358 11.42 21.41 16.71
CA ILE B 358 10.77 21.69 17.99
C ILE B 358 11.37 22.94 18.62
N ARG B 359 12.71 23.03 18.65
CA ARG B 359 13.36 24.23 19.18
C ARG B 359 12.89 25.47 18.44
N GLN B 360 12.79 25.40 17.10
CA GLN B 360 12.29 26.54 16.34
C GLN B 360 10.86 26.89 16.73
N THR B 361 10.01 25.88 16.93
CA THR B 361 8.63 26.13 17.32
C THR B 361 8.57 26.87 18.66
N LEU B 362 9.29 26.36 19.67
CA LEU B 362 9.26 27.02 20.97
C LEU B 362 9.89 28.40 20.92
N GLY B 363 10.76 28.67 19.95
CA GLY B 363 11.26 30.03 19.77
C GLY B 363 10.17 31.01 19.37
N LEU B 364 9.14 30.54 18.65
CA LEU B 364 8.02 31.39 18.28
C LEU B 364 7.04 31.61 19.43
N ALA B 365 7.12 30.81 20.49
CA ALA B 365 6.17 30.92 21.60
C ALA B 365 6.71 31.70 22.79
N ASP B 366 8.02 31.88 22.89
CA ASP B 366 8.62 32.55 24.04
C ASP B 366 8.51 34.06 23.93
#